data_6MHM
#
_entry.id   6MHM
#
_cell.length_a   153.718
_cell.length_b   68.650
_cell.length_c   98.386
_cell.angle_alpha   90.000
_cell.angle_beta   120.730
_cell.angle_gamma   90.000
#
_symmetry.space_group_name_H-M   'C 1 2 1'
#
loop_
_entity.id
_entity.type
_entity.pdbx_description
1 polymer 'Acid ceramidase subunit alpha'
2 polymer 'Acid ceramidase subunit beta'
3 branched 2-acetamido-2-deoxy-beta-D-glucopyranose-(1-4)-2-acetamido-2-deoxy-beta-D-glucopyranose-(1-4)-2-acetamido-2-deoxy-beta-D-glucopyranose
4 branched 2-acetamido-2-deoxy-beta-D-glucopyranose-(1-4)-2-acetamido-2-deoxy-beta-D-glucopyranose
5 non-polymer 'SULFATE ION'
6 non-polymer 2-acetamido-2-deoxy-beta-D-glucopyranose
7 non-polymer 'hexylcarbamic acid'
8 water water
#
loop_
_entity_poly.entity_id
_entity_poly.type
_entity_poly.pdbx_seq_one_letter_code
_entity_poly.pdbx_strand_id
1 'polypeptide(L)'
;DRHHHHHHKLQHAPPWTEDCRKSTYPPSGPTYRGAVPWYTINLDLPPYKRWHELMLDKAPMLKVIVNSLKNMINTFVPSG
KVMQVVDEKLPGLLGNFPGPFEEEMKGIAAVTDIPLGEIISFNIFYELFTI
;
A,C
2 'polypeptide(L)'
;CTSIVAEDKKGHLIHGRNMDFGVFLGWNINNDTWVITEQLKPLTVNLDFQRNNKTVFKASSFAGYVGMLTGFKPGLFSLT
LNERFSINGGYLGILEWILGKKDAMWIGFLTRTVLENSTSYEEAKNLLTKTKILAPAYFILGGNQSGEGCVITRDRKESL
DVYELDAKQGRWYVVQTNYDRWKHPFFLDDRRTPAKMCLNRTSQENISFETMYDVLSTKPVLNKLTVYTTLIDVTKGQFE
TYLRDCPDPCIGW
;
B,D
#
loop_
_chem_comp.id
_chem_comp.type
_chem_comp.name
_chem_comp.formula
JRY non-polymer 'hexylcarbamic acid' 'C7 H15 N O2'
NAG D-saccharide, beta linking 2-acetamido-2-deoxy-beta-D-glucopyranose 'C8 H15 N O6'
SO4 non-polymer 'SULFATE ION' 'O4 S -2'
#
# COMPACT_ATOMS: atom_id res chain seq x y z
N TRP A 16 -28.08 14.92 -4.37
CA TRP A 16 -27.22 15.58 -3.39
C TRP A 16 -25.79 15.35 -3.55
N THR A 17 -25.10 16.44 -3.33
CA THR A 17 -23.67 16.49 -3.48
C THR A 17 -23.08 17.03 -2.19
N GLU A 18 -21.79 16.85 -2.11
CA GLU A 18 -21.00 17.19 -0.94
C GLU A 18 -20.15 18.40 -1.28
N ASP A 19 -19.72 19.09 -0.24
CA ASP A 19 -18.74 20.16 -0.42
C ASP A 19 -17.47 19.60 -1.04
N CYS A 20 -16.97 20.28 -2.07
CA CYS A 20 -15.72 19.89 -2.71
C CYS A 20 -14.63 19.70 -1.68
N ARG A 21 -13.91 18.59 -1.77
CA ARG A 21 -12.96 18.22 -0.73
C ARG A 21 -11.66 19.00 -0.88
N LYS A 22 -11.00 19.21 0.26
CA LYS A 22 -9.76 19.96 0.31
C LYS A 22 -8.68 19.13 0.98
N SER A 23 -7.43 19.35 0.55
CA SER A 23 -6.25 18.65 1.06
C SER A 23 -6.49 17.16 1.25
N THR A 24 -6.68 16.43 0.15
CA THR A 24 -6.84 14.99 0.18
C THR A 24 -5.67 14.25 -0.46
N TYR A 25 -4.63 14.97 -0.88
CA TYR A 25 -3.47 14.39 -1.53
C TYR A 25 -2.19 14.92 -0.87
N PRO A 26 -1.21 14.05 -0.61
CA PRO A 26 -1.16 12.60 -0.80
C PRO A 26 -2.26 11.84 -0.07
N PRO A 27 -2.64 10.67 -0.59
CA PRO A 27 -3.80 9.95 -0.06
C PRO A 27 -3.60 9.48 1.37
N SER A 28 -4.59 9.75 2.22
CA SER A 28 -4.60 9.28 3.59
C SER A 28 -6.03 9.32 4.09
N GLY A 29 -6.29 8.60 5.18
CA GLY A 29 -7.59 8.58 5.82
C GLY A 29 -8.43 7.37 5.45
N PRO A 30 -9.70 7.40 5.82
CA PRO A 30 -10.61 6.30 5.48
C PRO A 30 -11.08 6.32 4.04
N THR A 31 -10.60 7.27 3.25
CA THR A 31 -10.86 7.40 1.84
C THR A 31 -9.95 6.51 0.99
N TYR A 32 -8.88 5.99 1.58
CA TYR A 32 -7.74 5.44 0.86
C TYR A 32 -7.43 4.05 1.42
N ARG A 33 -7.81 3.00 0.66
CA ARG A 33 -7.55 1.64 1.15
C ARG A 33 -6.07 1.32 1.15
N GLY A 34 -5.35 1.69 0.09
CA GLY A 34 -3.93 1.47 0.06
C GLY A 34 -3.36 1.59 -1.34
N ALA A 35 -2.04 1.68 -1.39
CA ALA A 35 -1.34 1.76 -2.68
C ALA A 35 -1.52 0.46 -3.44
N VAL A 36 -1.29 0.53 -4.75
CA VAL A 36 -1.37 -0.71 -5.52
C VAL A 36 -0.04 -1.05 -6.07
N PRO A 37 0.30 -2.33 -6.16
CA PRO A 37 1.62 -2.77 -6.52
C PRO A 37 1.89 -2.69 -8.03
N TRP A 38 3.16 -2.57 -8.36
CA TRP A 38 3.61 -2.57 -9.74
C TRP A 38 4.10 -3.96 -10.12
N TYR A 39 3.74 -4.38 -11.33
CA TYR A 39 4.30 -5.58 -11.96
C TYR A 39 4.81 -5.16 -13.33
N THR A 40 5.92 -5.75 -13.76
CA THR A 40 6.50 -5.45 -15.06
C THR A 40 6.20 -6.59 -16.02
N ILE A 41 5.57 -6.26 -17.14
CA ILE A 41 5.16 -7.23 -18.14
C ILE A 41 6.06 -7.05 -19.36
N ASN A 42 6.91 -8.05 -19.61
CA ASN A 42 7.89 -7.99 -20.69
C ASN A 42 7.23 -8.47 -21.99
N LEU A 43 7.01 -7.53 -22.92
CA LEU A 43 6.42 -7.87 -24.20
C LEU A 43 7.38 -8.65 -25.10
N ASP A 44 8.67 -8.69 -24.77
CA ASP A 44 9.61 -9.51 -25.53
C ASP A 44 9.33 -11.00 -25.34
N LEU A 45 8.80 -11.38 -24.17
CA LEU A 45 8.36 -12.74 -23.97
C LEU A 45 7.20 -13.05 -24.92
N PRO A 46 7.01 -14.32 -25.30
CA PRO A 46 5.85 -14.66 -26.09
C PRO A 46 4.58 -14.45 -25.29
N PRO A 47 3.46 -14.15 -25.95
CA PRO A 47 2.22 -13.84 -25.23
C PRO A 47 1.78 -14.89 -24.22
N TYR A 48 2.08 -16.17 -24.46
CA TYR A 48 1.64 -17.22 -23.56
C TYR A 48 2.30 -17.12 -22.19
N LYS A 49 3.50 -16.56 -22.12
CA LYS A 49 4.28 -16.50 -20.89
C LYS A 49 4.31 -15.11 -20.26
N ARG A 50 3.55 -14.14 -20.81
CA ARG A 50 3.67 -12.77 -20.35
C ARG A 50 3.05 -12.58 -18.96
N TRP A 51 1.96 -13.30 -18.67
CA TRP A 51 1.23 -13.11 -17.43
C TRP A 51 1.58 -14.15 -16.36
N HIS A 52 2.58 -15.00 -16.62
CA HIS A 52 2.85 -16.12 -15.72
C HIS A 52 3.18 -15.63 -14.30
N GLU A 53 4.08 -14.65 -14.20
CA GLU A 53 4.47 -14.17 -12.88
C GLU A 53 3.30 -13.52 -12.15
N LEU A 54 2.50 -12.72 -12.86
CA LEU A 54 1.38 -12.04 -12.21
C LEU A 54 0.30 -13.02 -11.79
N MET A 55 -0.01 -14.00 -12.63
CA MET A 55 -1.13 -14.89 -12.33
C MET A 55 -0.78 -15.89 -11.23
N LEU A 56 0.50 -16.22 -11.07
CA LEU A 56 0.89 -17.08 -9.96
C LEU A 56 0.59 -16.42 -8.62
N ASP A 57 0.69 -15.09 -8.55
CA ASP A 57 0.45 -14.36 -7.31
C ASP A 57 -1.01 -13.95 -7.14
N LYS A 58 -1.79 -13.92 -8.21
CA LYS A 58 -3.16 -13.41 -8.15
C LYS A 58 -4.24 -14.45 -8.41
N ALA A 59 -3.86 -15.68 -8.77
CA ALA A 59 -4.86 -16.72 -9.05
C ALA A 59 -5.89 -16.92 -7.94
N PRO A 60 -5.54 -16.94 -6.65
CA PRO A 60 -6.60 -17.15 -5.63
C PRO A 60 -7.64 -16.05 -5.62
N MET A 61 -7.26 -14.80 -5.86
CA MET A 61 -8.23 -13.71 -5.79
C MET A 61 -9.22 -13.77 -6.94
N LEU A 62 -8.75 -14.10 -8.14
CA LEU A 62 -9.67 -14.20 -9.28
C LEU A 62 -10.59 -15.40 -9.12
N LYS A 63 -10.10 -16.46 -8.46
CA LYS A 63 -10.95 -17.62 -8.19
C LYS A 63 -12.10 -17.26 -7.26
N VAL A 64 -11.91 -16.25 -6.40
CA VAL A 64 -12.98 -15.81 -5.52
C VAL A 64 -14.10 -15.15 -6.32
N ILE A 65 -13.73 -14.39 -7.36
CA ILE A 65 -14.73 -13.73 -8.20
C ILE A 65 -15.60 -14.77 -8.91
N VAL A 66 -14.96 -15.75 -9.53
CA VAL A 66 -15.69 -16.76 -10.30
C VAL A 66 -16.65 -17.53 -9.39
N ASN A 67 -16.26 -17.77 -8.15
CA ASN A 67 -17.18 -18.31 -7.16
C ASN A 67 -18.37 -17.38 -6.97
N SER A 68 -18.09 -16.13 -6.61
CA SER A 68 -19.16 -15.16 -6.39
C SER A 68 -19.96 -14.90 -7.66
N LEU A 69 -19.37 -15.13 -8.83
CA LEU A 69 -20.14 -15.08 -10.07
C LEU A 69 -21.09 -16.27 -10.18
N LYS A 70 -20.68 -17.43 -9.67
CA LYS A 70 -21.54 -18.60 -9.75
C LYS A 70 -22.77 -18.48 -8.87
N ASN A 71 -22.68 -17.75 -7.76
CA ASN A 71 -23.80 -17.65 -6.83
C ASN A 71 -24.92 -16.79 -7.41
N MET A 72 -24.58 -15.69 -8.06
CA MET A 72 -25.61 -14.86 -8.69
C MET A 72 -26.28 -15.60 -9.83
N ILE A 73 -25.50 -16.32 -10.64
CA ILE A 73 -26.07 -17.14 -11.71
C ILE A 73 -26.99 -18.19 -11.13
N ASN A 74 -26.62 -18.77 -9.98
CA ASN A 74 -27.39 -19.87 -9.40
C ASN A 74 -28.80 -19.43 -9.00
N THR A 75 -28.99 -18.15 -8.67
CA THR A 75 -30.30 -17.68 -8.25
C THR A 75 -31.30 -17.66 -9.39
N PHE A 76 -30.86 -17.78 -10.64
CA PHE A 76 -31.75 -17.79 -11.80
C PHE A 76 -31.83 -19.20 -12.38
N VAL A 77 -30.73 -19.70 -12.93
CA VAL A 77 -30.67 -21.06 -13.47
C VAL A 77 -29.47 -21.74 -12.86
N PRO A 78 -29.54 -23.05 -12.56
CA PRO A 78 -28.45 -23.72 -11.84
C PRO A 78 -27.09 -23.50 -12.47
N SER A 79 -26.09 -23.32 -11.62
CA SER A 79 -24.80 -22.78 -12.05
C SER A 79 -23.96 -23.81 -12.78
N GLY A 80 -23.89 -25.03 -12.24
CA GLY A 80 -23.08 -26.06 -12.88
C GLY A 80 -23.39 -26.24 -14.34
N LYS A 81 -24.67 -26.43 -14.66
CA LYS A 81 -25.11 -26.56 -16.05
C LYS A 81 -24.74 -25.32 -16.85
N VAL A 82 -24.80 -24.14 -16.24
CA VAL A 82 -24.40 -22.91 -16.91
C VAL A 82 -22.92 -22.95 -17.24
N MET A 83 -22.10 -23.34 -16.26
CA MET A 83 -20.66 -23.25 -16.42
C MET A 83 -20.09 -24.33 -17.34
N GLN A 84 -20.75 -25.50 -17.42
CA GLN A 84 -20.37 -26.47 -18.44
C GLN A 84 -20.42 -25.85 -19.83
N VAL A 85 -21.49 -25.11 -20.12
CA VAL A 85 -21.68 -24.55 -21.45
C VAL A 85 -20.65 -23.46 -21.73
N VAL A 86 -20.39 -22.59 -20.75
CA VAL A 86 -19.40 -21.54 -20.92
C VAL A 86 -18.02 -22.15 -21.17
N ASP A 87 -17.68 -23.22 -20.45
CA ASP A 87 -16.35 -23.78 -20.57
C ASP A 87 -16.23 -24.69 -21.79
N GLU A 88 -17.25 -25.50 -22.07
CA GLU A 88 -17.16 -26.47 -23.16
C GLU A 88 -17.54 -25.89 -24.52
N LYS A 89 -18.47 -24.94 -24.57
CA LYS A 89 -19.03 -24.50 -25.84
C LYS A 89 -18.76 -23.05 -26.19
N LEU A 90 -18.47 -22.17 -25.22
CA LEU A 90 -18.24 -20.77 -25.56
C LEU A 90 -16.92 -20.57 -26.31
N PRO A 91 -15.77 -21.12 -25.89
CA PRO A 91 -14.53 -20.83 -26.62
C PRO A 91 -14.59 -21.15 -28.11
N GLY A 92 -15.27 -22.24 -28.49
CA GLY A 92 -15.47 -22.51 -29.91
C GLY A 92 -16.55 -21.67 -30.53
N LEU A 93 -17.53 -21.22 -29.75
CA LEU A 93 -18.58 -20.36 -30.27
C LEU A 93 -18.01 -19.02 -30.72
N LEU A 94 -17.11 -18.44 -29.92
CA LEU A 94 -16.53 -17.15 -30.24
C LEU A 94 -15.36 -17.23 -31.21
N GLY A 95 -14.85 -18.42 -31.49
CA GLY A 95 -13.70 -18.55 -32.37
C GLY A 95 -12.42 -18.13 -31.66
N ASN A 96 -11.39 -17.93 -32.47
CA ASN A 96 -10.10 -17.48 -31.96
C ASN A 96 -10.04 -15.96 -31.96
N PHE A 97 -9.54 -15.40 -30.86
CA PHE A 97 -9.39 -13.96 -30.78
C PHE A 97 -8.13 -13.50 -31.51
N PRO A 98 -8.11 -12.27 -32.00
CA PRO A 98 -6.95 -11.81 -32.78
C PRO A 98 -5.69 -11.68 -31.94
N GLY A 99 -4.56 -11.63 -32.65
CA GLY A 99 -3.29 -11.21 -32.11
C GLY A 99 -2.84 -11.88 -30.83
N PRO A 100 -2.31 -11.07 -29.90
CA PRO A 100 -1.73 -11.65 -28.68
C PRO A 100 -2.77 -12.26 -27.75
N PHE A 101 -4.05 -11.92 -27.90
CA PHE A 101 -5.01 -12.14 -26.83
C PHE A 101 -5.38 -13.61 -26.67
N GLU A 102 -5.49 -14.35 -27.77
CA GLU A 102 -5.79 -15.78 -27.67
C GLU A 102 -4.71 -16.50 -26.86
N GLU A 103 -3.44 -16.15 -27.10
CA GLU A 103 -2.37 -16.77 -26.35
C GLU A 103 -2.25 -16.19 -24.94
N GLU A 104 -2.45 -14.88 -24.80
CA GLU A 104 -2.39 -14.27 -23.48
C GLU A 104 -3.45 -14.83 -22.55
N MET A 105 -4.67 -15.04 -23.07
CA MET A 105 -5.73 -15.63 -22.25
C MET A 105 -5.52 -17.12 -22.06
N LYS A 106 -4.95 -17.81 -23.05
CA LYS A 106 -4.65 -19.23 -22.88
C LYS A 106 -3.58 -19.43 -21.82
N GLY A 107 -2.59 -18.55 -21.77
CA GLY A 107 -1.62 -18.60 -20.69
C GLY A 107 -2.25 -18.41 -19.34
N ILE A 108 -3.06 -17.36 -19.19
CA ILE A 108 -3.69 -17.06 -17.91
C ILE A 108 -4.59 -18.22 -17.48
N ALA A 109 -5.24 -18.87 -18.44
CA ALA A 109 -6.11 -19.99 -18.09
C ALA A 109 -5.33 -21.17 -17.54
N ALA A 110 -4.12 -21.40 -18.05
CA ALA A 110 -3.33 -22.55 -17.62
C ALA A 110 -2.63 -22.31 -16.29
N VAL A 111 -2.13 -21.10 -16.08
CA VAL A 111 -1.37 -20.82 -14.86
C VAL A 111 -2.29 -20.71 -13.65
N THR A 112 -3.54 -20.29 -13.85
CA THR A 112 -4.50 -20.15 -12.76
C THR A 112 -5.38 -21.37 -12.55
N ASP A 113 -5.31 -22.36 -13.45
CA ASP A 113 -6.17 -23.54 -13.44
C ASP A 113 -7.64 -23.18 -13.64
N ILE A 114 -7.89 -22.11 -14.36
CA ILE A 114 -9.23 -21.60 -14.59
C ILE A 114 -9.60 -21.88 -16.03
N PRO A 115 -10.78 -22.45 -16.30
CA PRO A 115 -11.13 -22.82 -17.66
C PRO A 115 -11.07 -21.63 -18.59
N LEU A 116 -10.80 -21.91 -19.87
CA LEU A 116 -10.60 -20.85 -20.84
C LEU A 116 -11.85 -20.02 -21.04
N GLY A 117 -13.02 -20.66 -21.04
CA GLY A 117 -14.26 -19.93 -21.24
C GLY A 117 -14.49 -18.86 -20.18
N GLU A 118 -14.07 -19.14 -18.94
CA GLU A 118 -14.25 -18.17 -17.86
C GLU A 118 -13.22 -17.04 -17.95
N ILE A 119 -11.99 -17.35 -18.37
CA ILE A 119 -11.02 -16.29 -18.60
C ILE A 119 -11.49 -15.38 -19.74
N ILE A 120 -12.12 -15.96 -20.75
CA ILE A 120 -12.67 -15.16 -21.83
C ILE A 120 -13.85 -14.32 -21.34
N SER A 121 -14.75 -14.94 -20.58
CA SER A 121 -15.91 -14.21 -20.06
C SER A 121 -15.47 -13.02 -19.22
N PHE A 122 -14.40 -13.18 -18.44
CA PHE A 122 -13.83 -12.07 -17.69
C PHE A 122 -13.36 -10.95 -18.62
N ASN A 123 -12.71 -11.32 -19.73
CA ASN A 123 -12.08 -10.35 -20.61
C ASN A 123 -13.04 -9.68 -21.59
N ILE A 124 -14.24 -10.23 -21.76
CA ILE A 124 -15.23 -9.61 -22.64
C ILE A 124 -16.43 -9.18 -21.81
N PHE A 125 -16.19 -8.88 -20.53
CA PHE A 125 -17.27 -8.50 -19.64
C PHE A 125 -17.89 -7.16 -20.03
N TYR A 126 -17.12 -6.27 -20.64
CA TYR A 126 -17.67 -5.00 -21.09
C TYR A 126 -18.76 -5.22 -22.14
N GLU A 127 -18.46 -5.99 -23.19
CA GLU A 127 -19.45 -6.29 -24.21
C GLU A 127 -20.66 -7.00 -23.60
N LEU A 128 -20.42 -7.88 -22.63
CA LEU A 128 -21.52 -8.58 -21.97
C LEU A 128 -22.30 -7.68 -21.01
N PHE A 129 -21.73 -6.54 -20.64
CA PHE A 129 -22.29 -5.65 -19.61
C PHE A 129 -22.45 -6.39 -18.29
N CYS B 1 -17.91 5.41 -13.81
CA CYS B 1 -16.60 6.02 -14.01
C CYS B 1 -16.66 7.49 -14.21
N THR B 2 -15.55 8.17 -13.94
CA THR B 2 -15.41 9.59 -14.23
C THR B 2 -14.02 9.81 -14.78
N SER B 3 -13.92 10.51 -15.91
CA SER B 3 -12.64 10.77 -16.55
C SER B 3 -12.52 12.27 -16.84
N ILE B 4 -11.39 12.86 -16.44
CA ILE B 4 -11.17 14.28 -16.57
C ILE B 4 -9.82 14.51 -17.23
N VAL B 5 -9.77 15.45 -18.18
CA VAL B 5 -8.54 15.90 -18.80
C VAL B 5 -8.52 17.42 -18.67
N ALA B 6 -7.69 17.92 -17.75
CA ALA B 6 -7.62 19.34 -17.46
C ALA B 6 -6.31 19.93 -17.96
N GLU B 7 -6.27 21.26 -18.01
CA GLU B 7 -5.15 21.99 -18.58
C GLU B 7 -4.92 23.23 -17.73
N ASP B 8 -3.78 23.29 -17.04
CA ASP B 8 -3.50 24.42 -16.16
C ASP B 8 -3.21 25.67 -16.99
N LYS B 9 -2.90 26.76 -16.29
CA LYS B 9 -2.69 28.03 -16.97
C LYS B 9 -1.49 27.97 -17.90
N LYS B 10 -0.50 27.12 -17.60
CA LYS B 10 0.70 27.02 -18.43
C LYS B 10 0.65 25.82 -19.37
N GLY B 11 -0.54 25.39 -19.77
CA GLY B 11 -0.68 24.38 -20.80
C GLY B 11 -0.37 22.97 -20.38
N HIS B 12 -0.16 22.71 -19.10
CA HIS B 12 0.16 21.37 -18.62
C HIS B 12 -1.10 20.55 -18.47
N LEU B 13 -1.04 19.29 -18.91
CA LEU B 13 -2.20 18.42 -18.96
C LEU B 13 -2.20 17.45 -17.78
N ILE B 14 -3.30 17.43 -17.03
CA ILE B 14 -3.54 16.46 -15.97
C ILE B 14 -4.72 15.59 -16.37
N HIS B 15 -4.54 14.27 -16.28
CA HIS B 15 -5.56 13.29 -16.66
C HIS B 15 -5.87 12.44 -15.45
N GLY B 16 -7.08 12.59 -14.91
CA GLY B 16 -7.51 11.85 -13.75
C GLY B 16 -8.79 11.10 -14.00
N ARG B 17 -8.92 9.95 -13.35
CA ARG B 17 -10.11 9.13 -13.53
C ARG B 17 -10.42 8.32 -12.29
N ASN B 18 -11.70 8.04 -12.09
CA ASN B 18 -12.19 7.08 -11.11
C ASN B 18 -12.74 5.86 -11.86
N MET B 19 -12.50 4.68 -11.33
CA MET B 19 -12.97 3.43 -11.92
C MET B 19 -14.09 2.88 -11.05
N ASP B 20 -15.33 3.15 -11.45
CA ASP B 20 -16.49 2.56 -10.79
C ASP B 20 -16.89 1.29 -11.51
N PHE B 21 -17.00 0.19 -10.77
CA PHE B 21 -17.51 -1.05 -11.33
C PHE B 21 -17.90 -1.98 -10.19
N GLY B 22 -18.94 -2.77 -10.43
CA GLY B 22 -19.26 -3.85 -9.52
C GLY B 22 -20.69 -3.96 -9.04
N VAL B 23 -21.63 -3.40 -9.79
CA VAL B 23 -23.03 -3.51 -9.39
C VAL B 23 -23.60 -4.90 -9.68
N PHE B 24 -22.92 -5.70 -10.51
CA PHE B 24 -23.55 -6.84 -11.14
C PHE B 24 -23.68 -8.05 -10.22
N LEU B 25 -22.81 -8.17 -9.20
CA LEU B 25 -22.89 -9.32 -8.30
C LEU B 25 -23.71 -9.04 -7.06
N GLY B 26 -24.31 -7.87 -6.95
CA GLY B 26 -25.15 -7.55 -5.81
C GLY B 26 -24.41 -6.80 -4.73
N TRP B 27 -25.05 -6.78 -3.56
CA TRP B 27 -24.71 -5.88 -2.47
C TRP B 27 -24.32 -6.70 -1.24
N ASN B 28 -23.33 -6.19 -0.50
CA ASN B 28 -22.94 -6.78 0.78
C ASN B 28 -23.67 -6.02 1.88
N ILE B 29 -24.78 -6.59 2.35
CA ILE B 29 -25.58 -5.89 3.36
C ILE B 29 -24.90 -5.81 4.71
N ASN B 30 -23.82 -6.56 4.92
CA ASN B 30 -23.18 -6.59 6.23
C ASN B 30 -22.25 -5.41 6.46
N ASN B 31 -21.57 -4.91 5.41
CA ASN B 31 -20.69 -3.77 5.54
C ASN B 31 -20.95 -2.68 4.51
N ASP B 32 -22.05 -2.77 3.77
CA ASP B 32 -22.48 -1.73 2.82
C ASP B 32 -21.47 -1.55 1.69
N THR B 33 -21.26 -2.61 0.92
CA THR B 33 -20.39 -2.57 -0.25
C THR B 33 -20.98 -3.41 -1.37
N TRP B 34 -20.42 -3.24 -2.56
CA TRP B 34 -20.74 -4.08 -3.70
C TRP B 34 -19.81 -5.29 -3.73
N VAL B 35 -20.36 -6.45 -4.06
CA VAL B 35 -19.60 -7.70 -3.98
C VAL B 35 -18.38 -7.63 -4.89
N ILE B 36 -18.58 -7.22 -6.15
CA ILE B 36 -17.49 -7.23 -7.12
C ILE B 36 -16.49 -6.13 -6.80
N THR B 37 -16.98 -4.93 -6.45
CA THR B 37 -16.10 -3.80 -6.18
C THR B 37 -15.05 -4.15 -5.12
N GLU B 38 -15.49 -4.78 -4.03
CA GLU B 38 -14.54 -5.21 -3.00
C GLU B 38 -13.61 -6.29 -3.51
N GLN B 39 -14.09 -7.16 -4.39
CA GLN B 39 -13.26 -8.24 -4.92
C GLN B 39 -12.31 -7.77 -6.01
N LEU B 40 -12.54 -6.60 -6.59
CA LEU B 40 -11.65 -6.07 -7.61
C LEU B 40 -10.49 -5.26 -7.04
N LYS B 41 -10.62 -4.77 -5.81
CA LYS B 41 -9.55 -3.97 -5.22
C LYS B 41 -8.28 -4.79 -4.98
N PRO B 42 -8.32 -5.97 -4.37
CA PRO B 42 -7.10 -6.78 -4.27
C PRO B 42 -6.63 -7.35 -5.59
N LEU B 43 -7.45 -7.29 -6.64
CA LEU B 43 -7.02 -7.71 -7.97
C LEU B 43 -6.35 -6.60 -8.76
N THR B 44 -6.61 -5.34 -8.39
CA THR B 44 -6.03 -4.22 -9.11
C THR B 44 -4.51 -4.25 -9.04
N VAL B 45 -3.86 -4.05 -10.19
CA VAL B 45 -2.41 -4.06 -10.29
C VAL B 45 -1.96 -2.95 -11.23
N ASN B 46 -0.72 -2.52 -11.04
CA ASN B 46 -0.06 -1.60 -11.96
C ASN B 46 0.89 -2.40 -12.85
N LEU B 47 0.97 -2.00 -14.11
CA LEU B 47 1.70 -2.78 -15.10
C LEU B 47 2.63 -1.86 -15.88
N ASP B 48 3.93 -2.20 -15.86
CA ASP B 48 4.95 -1.53 -16.64
C ASP B 48 5.26 -2.43 -17.84
N PHE B 49 4.61 -2.15 -18.97
CA PHE B 49 4.83 -2.94 -20.18
C PHE B 49 6.13 -2.47 -20.84
N GLN B 50 7.09 -3.39 -20.94
CA GLN B 50 8.43 -3.05 -21.39
C GLN B 50 8.78 -3.81 -22.67
N ARG B 51 9.60 -3.16 -23.50
CA ARG B 51 10.23 -3.78 -24.66
C ARG B 51 11.68 -3.32 -24.69
N ASN B 52 12.61 -4.26 -24.58
CA ASN B 52 14.04 -3.97 -24.49
C ASN B 52 14.37 -3.18 -23.22
N ASN B 53 13.83 -3.65 -22.10
CA ASN B 53 14.00 -3.01 -20.79
C ASN B 53 13.62 -1.53 -20.82
N LYS B 54 12.76 -1.15 -21.75
CA LYS B 54 12.29 0.22 -21.90
C LYS B 54 10.76 0.22 -21.85
N THR B 55 10.19 1.18 -21.12
CA THR B 55 8.76 1.20 -20.91
C THR B 55 8.03 1.60 -22.19
N VAL B 56 7.21 0.69 -22.71
CA VAL B 56 6.32 1.03 -23.82
C VAL B 56 5.13 1.83 -23.31
N PHE B 57 4.35 1.23 -22.40
CA PHE B 57 3.25 1.93 -21.76
C PHE B 57 3.02 1.36 -20.37
N LYS B 58 2.48 2.19 -19.49
CA LYS B 58 2.07 1.78 -18.15
C LYS B 58 0.54 1.75 -18.08
N ALA B 59 0.02 1.04 -17.09
CA ALA B 59 -1.42 0.84 -17.02
C ALA B 59 -1.85 0.48 -15.62
N SER B 60 -3.15 0.60 -15.39
CA SER B 60 -3.83 0.04 -14.22
C SER B 60 -4.88 -0.93 -14.73
N SER B 61 -4.79 -2.19 -14.33
CA SER B 61 -5.72 -3.20 -14.79
C SER B 61 -6.07 -4.15 -13.66
N PHE B 62 -7.08 -4.98 -13.91
CA PHE B 62 -7.44 -6.06 -13.01
C PHE B 62 -6.75 -7.33 -13.47
N ALA B 63 -6.11 -8.03 -12.53
CA ALA B 63 -5.26 -9.16 -12.87
C ALA B 63 -6.06 -10.25 -13.57
N GLY B 64 -5.56 -10.70 -14.71
CA GLY B 64 -6.22 -11.70 -15.53
C GLY B 64 -7.03 -11.14 -16.67
N TYR B 65 -7.15 -9.81 -16.75
CA TYR B 65 -7.89 -9.13 -17.82
C TYR B 65 -6.86 -8.43 -18.69
N VAL B 66 -6.74 -8.88 -19.95
CA VAL B 66 -5.63 -8.44 -20.78
C VAL B 66 -5.88 -7.11 -21.48
N GLY B 67 -7.14 -6.69 -21.59
CA GLY B 67 -7.42 -5.37 -22.13
C GLY B 67 -7.00 -4.27 -21.18
N MET B 68 -6.98 -3.05 -21.70
CA MET B 68 -6.52 -1.89 -20.93
C MET B 68 -7.64 -0.88 -20.80
N LEU B 69 -7.98 -0.53 -19.56
CA LEU B 69 -9.00 0.47 -19.26
C LEU B 69 -8.42 1.79 -18.79
N THR B 70 -7.20 1.78 -18.25
CA THR B 70 -6.50 2.99 -17.84
C THR B 70 -5.03 2.81 -18.21
N GLY B 71 -4.44 3.86 -18.79
CA GLY B 71 -3.03 3.77 -19.14
C GLY B 71 -2.56 5.02 -19.83
N PHE B 72 -1.25 5.04 -20.11
CA PHE B 72 -0.64 6.14 -20.84
C PHE B 72 0.68 5.67 -21.42
N LYS B 73 1.10 6.33 -22.49
CA LYS B 73 2.45 6.19 -23.01
C LYS B 73 3.26 7.39 -22.54
N PRO B 74 4.29 7.20 -21.72
CA PRO B 74 5.00 8.34 -21.12
C PRO B 74 5.45 9.35 -22.16
N GLY B 75 5.09 10.62 -21.94
CA GLY B 75 5.42 11.68 -22.86
C GLY B 75 4.61 11.72 -24.14
N LEU B 76 3.69 10.77 -24.34
CA LEU B 76 2.94 10.71 -25.58
C LEU B 76 1.46 11.06 -25.38
N PHE B 77 0.68 10.12 -24.87
CA PHE B 77 -0.74 10.37 -24.66
C PHE B 77 -1.24 9.49 -23.51
N SER B 78 -2.45 9.80 -23.05
CA SER B 78 -3.10 9.07 -21.96
C SER B 78 -4.52 8.72 -22.37
N LEU B 79 -4.98 7.55 -21.94
CA LEU B 79 -6.25 7.00 -22.40
C LEU B 79 -6.96 6.29 -21.25
N THR B 80 -8.15 6.76 -20.91
CA THR B 80 -9.07 6.04 -20.04
C THR B 80 -10.38 5.81 -20.78
N LEU B 81 -11.04 4.71 -20.45
CA LEU B 81 -12.28 4.30 -21.10
C LEU B 81 -13.42 4.32 -20.12
N ASN B 82 -14.56 4.89 -20.55
CA ASN B 82 -15.76 4.91 -19.74
C ASN B 82 -16.85 4.10 -20.42
N GLU B 83 -17.67 3.43 -19.63
CA GLU B 83 -18.73 2.60 -20.17
C GLU B 83 -19.87 3.46 -20.72
N ARG B 84 -20.35 3.10 -21.90
CA ARG B 84 -21.51 3.72 -22.51
C ARG B 84 -22.64 2.72 -22.60
N PHE B 85 -23.86 3.17 -22.34
CA PHE B 85 -25.04 2.33 -22.36
C PHE B 85 -25.82 2.56 -23.65
N SER B 86 -26.39 1.47 -24.19
CA SER B 86 -27.14 1.56 -25.42
C SER B 86 -28.27 0.54 -25.41
N ILE B 87 -29.02 0.51 -26.51
CA ILE B 87 -30.26 -0.25 -26.59
C ILE B 87 -30.01 -1.74 -26.42
N ASN B 88 -29.05 -2.27 -27.17
CA ASN B 88 -28.68 -3.67 -27.22
C ASN B 88 -27.22 -3.85 -26.90
N GLY B 89 -26.46 -2.76 -26.83
CA GLY B 89 -25.10 -2.81 -26.33
C GLY B 89 -24.21 -3.66 -27.21
N GLY B 90 -23.42 -4.51 -26.56
CA GLY B 90 -22.55 -5.40 -27.31
C GLY B 90 -23.26 -6.53 -28.02
N TYR B 91 -24.56 -6.71 -27.80
CA TYR B 91 -25.16 -8.02 -28.06
C TYR B 91 -25.32 -8.30 -29.54
N LEU B 92 -25.71 -7.29 -30.32
CA LEU B 92 -25.62 -7.37 -31.76
C LEU B 92 -24.18 -7.56 -32.19
N GLY B 93 -23.32 -6.68 -31.70
CA GLY B 93 -21.90 -6.78 -31.97
C GLY B 93 -21.34 -8.17 -31.69
N ILE B 94 -21.73 -8.77 -30.57
CA ILE B 94 -21.31 -10.14 -30.28
C ILE B 94 -21.92 -11.11 -31.27
N LEU B 95 -23.21 -10.93 -31.59
CA LEU B 95 -23.90 -11.83 -32.51
C LEU B 95 -23.25 -11.81 -33.88
N GLU B 96 -22.98 -10.61 -34.41
CA GLU B 96 -22.31 -10.49 -35.70
C GLU B 96 -20.95 -11.19 -35.69
N TRP B 97 -20.24 -11.13 -34.56
CA TRP B 97 -18.92 -11.74 -34.46
C TRP B 97 -19.01 -13.26 -34.52
N ILE B 98 -20.00 -13.85 -33.86
CA ILE B 98 -20.15 -15.30 -33.86
C ILE B 98 -20.54 -15.78 -35.25
N LEU B 99 -21.53 -15.13 -35.88
CA LEU B 99 -21.98 -15.52 -37.20
C LEU B 99 -20.94 -15.30 -38.28
N GLY B 100 -19.85 -14.57 -37.99
CA GLY B 100 -18.73 -14.54 -38.90
C GLY B 100 -18.12 -13.20 -39.22
N LYS B 101 -18.79 -12.10 -38.87
CA LYS B 101 -18.28 -10.77 -39.19
C LYS B 101 -17.35 -10.32 -38.05
N LYS B 102 -16.05 -10.44 -38.28
CA LYS B 102 -15.03 -10.16 -37.27
C LYS B 102 -14.19 -8.94 -37.62
N ASP B 103 -14.78 -8.00 -38.35
CA ASP B 103 -14.16 -6.74 -38.76
C ASP B 103 -14.15 -5.69 -37.67
N ALA B 104 -14.50 -6.05 -36.43
CA ALA B 104 -14.58 -5.10 -35.34
C ALA B 104 -13.81 -5.63 -34.14
N MET B 105 -13.29 -4.71 -33.34
CA MET B 105 -12.43 -5.05 -32.22
C MET B 105 -13.18 -4.97 -30.89
N TRP B 106 -12.82 -5.87 -29.99
CA TRP B 106 -13.37 -5.82 -28.64
C TRP B 106 -12.85 -4.59 -27.91
N ILE B 107 -13.66 -4.09 -26.97
CA ILE B 107 -13.44 -2.76 -26.42
C ILE B 107 -12.16 -2.72 -25.59
N GLY B 108 -11.96 -3.70 -24.72
CA GLY B 108 -10.73 -3.76 -23.95
C GLY B 108 -9.51 -3.98 -24.82
N PHE B 109 -9.66 -4.70 -25.93
CA PHE B 109 -8.52 -5.02 -26.78
C PHE B 109 -8.06 -3.82 -27.59
N LEU B 110 -8.99 -2.96 -28.02
CA LEU B 110 -8.62 -1.85 -28.87
C LEU B 110 -7.80 -0.80 -28.12
N THR B 111 -8.25 -0.44 -26.91
CA THR B 111 -7.44 0.44 -26.07
C THR B 111 -6.11 -0.22 -25.70
N ARG B 112 -6.11 -1.54 -25.60
CA ARG B 112 -4.86 -2.28 -25.41
C ARG B 112 -3.96 -2.15 -26.63
N THR B 113 -4.53 -2.28 -27.83
CA THR B 113 -3.75 -2.10 -29.05
C THR B 113 -3.28 -0.67 -29.20
N VAL B 114 -4.11 0.30 -28.81
CA VAL B 114 -3.74 1.71 -28.96
C VAL B 114 -2.63 2.09 -27.98
N LEU B 115 -2.72 1.62 -26.75
CA LEU B 115 -1.67 1.93 -25.76
C LEU B 115 -0.35 1.24 -26.11
N GLU B 116 -0.42 0.02 -26.64
CA GLU B 116 0.78 -0.75 -26.90
C GLU B 116 1.47 -0.34 -28.19
N ASN B 117 0.72 0.13 -29.18
CA ASN B 117 1.23 0.24 -30.54
C ASN B 117 1.08 1.61 -31.19
N SER B 118 0.14 2.44 -30.74
CA SER B 118 0.03 3.78 -31.31
C SER B 118 1.20 4.64 -30.84
N THR B 119 1.58 5.60 -31.69
CA THR B 119 2.79 6.38 -31.49
C THR B 119 2.54 7.82 -31.07
N SER B 120 1.39 8.38 -31.42
CA SER B 120 1.11 9.78 -31.14
C SER B 120 -0.32 9.95 -30.62
N TYR B 121 -0.61 11.16 -30.15
CA TYR B 121 -1.96 11.51 -29.75
C TYR B 121 -2.91 11.50 -30.95
N GLU B 122 -2.45 12.04 -32.09
CA GLU B 122 -3.30 12.07 -33.28
C GLU B 122 -3.54 10.67 -33.82
N GLU B 123 -2.53 9.80 -33.77
CA GLU B 123 -2.72 8.42 -34.20
C GLU B 123 -3.71 7.69 -33.29
N ALA B 124 -3.52 7.81 -31.97
CA ALA B 124 -4.48 7.24 -31.02
C ALA B 124 -5.87 7.79 -31.28
N LYS B 125 -5.98 9.11 -31.45
CA LYS B 125 -7.28 9.75 -31.66
C LYS B 125 -7.97 9.20 -32.91
N ASN B 126 -7.22 9.07 -34.01
CA ASN B 126 -7.82 8.59 -35.25
C ASN B 126 -8.32 7.16 -35.11
N LEU B 127 -7.56 6.31 -34.42
CA LEU B 127 -7.97 4.92 -34.27
C LEU B 127 -9.16 4.80 -33.34
N LEU B 128 -9.20 5.54 -32.24
CA LEU B 128 -10.35 5.44 -31.37
C LEU B 128 -11.59 6.07 -32.03
N THR B 129 -11.39 7.03 -32.93
CA THR B 129 -12.56 7.66 -33.56
C THR B 129 -13.22 6.76 -34.60
N LYS B 130 -12.45 5.98 -35.36
CA LYS B 130 -12.97 5.35 -36.56
C LYS B 130 -12.84 3.83 -36.60
N THR B 131 -12.43 3.18 -35.50
CA THR B 131 -12.35 1.72 -35.48
C THR B 131 -13.70 1.13 -35.10
N LYS B 132 -14.17 0.16 -35.88
CA LYS B 132 -15.40 -0.54 -35.54
C LYS B 132 -15.24 -1.30 -34.24
N ILE B 133 -16.28 -1.26 -33.41
CA ILE B 133 -16.27 -1.91 -32.11
C ILE B 133 -17.57 -2.70 -31.96
N LEU B 134 -17.57 -3.61 -30.98
CA LEU B 134 -18.73 -4.46 -30.74
C LEU B 134 -19.74 -3.82 -29.80
N ALA B 135 -19.36 -2.79 -29.06
CA ALA B 135 -20.24 -2.14 -28.10
C ALA B 135 -19.89 -0.67 -28.03
N PRO B 136 -20.85 0.19 -27.68
CA PRO B 136 -20.54 1.62 -27.50
C PRO B 136 -19.62 1.83 -26.31
N ALA B 137 -18.99 3.02 -26.28
CA ALA B 137 -18.03 3.33 -25.26
C ALA B 137 -17.72 4.83 -25.29
N TYR B 138 -17.07 5.29 -24.23
CA TYR B 138 -16.48 6.61 -24.17
C TYR B 138 -14.96 6.46 -24.12
N PHE B 139 -14.27 7.14 -25.03
CA PHE B 139 -12.81 7.22 -25.03
C PHE B 139 -12.41 8.62 -24.59
N ILE B 140 -11.69 8.70 -23.47
CA ILE B 140 -11.20 9.97 -22.95
C ILE B 140 -9.69 9.98 -23.12
N LEU B 141 -9.20 10.91 -23.94
CA LEU B 141 -7.83 10.86 -24.42
C LEU B 141 -7.18 12.23 -24.33
N GLY B 142 -6.02 12.31 -23.67
CA GLY B 142 -5.25 13.53 -23.60
C GLY B 142 -3.88 13.33 -24.23
N GLY B 143 -3.23 14.43 -24.64
CA GLY B 143 -1.96 14.34 -25.32
C GLY B 143 -0.78 14.84 -24.51
N ASN B 144 0.25 15.36 -25.19
CA ASN B 144 1.42 15.91 -24.51
C ASN B 144 1.60 17.41 -24.72
N GLN B 145 0.95 18.01 -25.72
CA GLN B 145 0.95 19.45 -25.89
C GLN B 145 -0.35 20.04 -25.35
N SER B 146 -0.40 21.37 -25.31
CA SER B 146 -1.59 22.06 -24.84
C SER B 146 -2.75 21.82 -25.80
N GLY B 147 -3.96 21.87 -25.24
CA GLY B 147 -5.18 21.70 -26.02
C GLY B 147 -5.44 20.32 -26.56
N GLU B 148 -4.56 19.34 -26.28
CA GLU B 148 -4.70 18.00 -26.83
C GLU B 148 -5.42 17.12 -25.80
N GLY B 149 -6.74 17.28 -25.75
CA GLY B 149 -7.57 16.50 -24.86
C GLY B 149 -9.01 16.46 -25.35
N CYS B 150 -9.63 15.28 -25.35
CA CYS B 150 -10.94 15.14 -25.98
C CYS B 150 -11.66 13.92 -25.45
N VAL B 151 -12.99 13.99 -25.49
CA VAL B 151 -13.86 12.84 -25.21
C VAL B 151 -14.48 12.41 -26.53
N ILE B 152 -14.34 11.12 -26.85
CA ILE B 152 -14.88 10.55 -28.09
C ILE B 152 -16.05 9.67 -27.71
N THR B 153 -17.27 10.17 -27.96
CA THR B 153 -18.47 9.38 -27.77
C THR B 153 -18.66 8.46 -28.96
N ARG B 154 -18.76 7.15 -28.71
CA ARG B 154 -18.68 6.15 -29.77
C ARG B 154 -19.97 5.34 -29.84
N ASP B 155 -20.52 5.22 -31.04
CA ASP B 155 -21.41 4.13 -31.41
C ASP B 155 -20.56 2.94 -31.83
N ARG B 156 -21.21 1.83 -32.17
CA ARG B 156 -20.47 0.64 -32.58
C ARG B 156 -19.71 0.87 -33.87
N LYS B 157 -20.30 1.64 -34.80
CA LYS B 157 -19.70 1.83 -36.13
C LYS B 157 -19.58 3.30 -36.50
N GLU B 158 -19.63 4.21 -35.53
CA GLU B 158 -19.59 5.63 -35.85
C GLU B 158 -19.18 6.42 -34.62
N SER B 159 -18.50 7.55 -34.87
CA SER B 159 -18.14 8.50 -33.82
C SER B 159 -19.25 9.55 -33.74
N LEU B 160 -20.05 9.50 -32.68
CA LEU B 160 -21.18 10.42 -32.55
C LEU B 160 -20.73 11.85 -32.31
N ASP B 161 -19.60 12.04 -31.63
CA ASP B 161 -19.15 13.37 -31.24
C ASP B 161 -17.76 13.27 -30.62
N VAL B 162 -16.95 14.30 -30.85
CA VAL B 162 -15.64 14.44 -30.22
C VAL B 162 -15.59 15.81 -29.57
N TYR B 163 -15.51 15.84 -28.23
CA TYR B 163 -15.53 17.07 -27.45
C TYR B 163 -14.11 17.42 -27.04
N GLU B 164 -13.53 18.44 -27.67
CA GLU B 164 -12.14 18.77 -27.49
C GLU B 164 -11.95 19.98 -26.59
N LEU B 165 -10.73 20.15 -26.09
CA LEU B 165 -10.38 21.28 -25.25
C LEU B 165 -10.22 22.55 -26.08
N ASP B 166 -10.63 23.66 -25.50
CA ASP B 166 -10.51 24.97 -26.13
C ASP B 166 -10.25 26.05 -25.10
N ALA B 167 -9.02 26.17 -24.62
CA ALA B 167 -8.69 27.16 -23.57
C ALA B 167 -8.92 28.62 -23.96
N LYS B 168 -8.77 28.93 -25.24
CA LYS B 168 -9.02 30.28 -25.75
C LYS B 168 -10.46 30.71 -25.52
N GLN B 169 -11.41 29.78 -25.64
CA GLN B 169 -12.81 30.04 -25.38
C GLN B 169 -13.17 29.77 -23.92
N GLY B 170 -12.18 29.43 -23.11
CA GLY B 170 -12.40 29.17 -21.71
C GLY B 170 -12.67 27.75 -21.28
N ARG B 171 -12.52 26.81 -22.20
CA ARG B 171 -12.73 25.42 -21.87
C ARG B 171 -11.40 24.76 -21.56
N TRP B 172 -11.09 24.60 -20.30
CA TRP B 172 -9.81 24.05 -19.88
C TRP B 172 -9.90 22.64 -19.33
N TYR B 173 -11.08 22.04 -19.29
CA TYR B 173 -11.23 20.64 -18.91
C TYR B 173 -12.32 19.99 -19.74
N VAL B 174 -12.28 18.65 -19.81
CA VAL B 174 -13.34 17.85 -20.39
C VAL B 174 -13.72 16.77 -19.39
N VAL B 175 -15.00 16.71 -19.05
CA VAL B 175 -15.54 15.72 -18.13
C VAL B 175 -16.33 14.70 -18.92
N GLN B 176 -16.37 13.46 -18.42
CA GLN B 176 -17.24 12.44 -19.00
C GLN B 176 -17.50 11.38 -17.96
N THR B 177 -18.78 11.12 -17.68
CA THR B 177 -19.18 10.03 -16.80
C THR B 177 -19.68 8.86 -17.65
N ASN B 178 -21.00 8.63 -17.65
CA ASN B 178 -21.58 7.52 -18.38
C ASN B 178 -22.80 7.93 -19.19
N TYR B 179 -22.92 9.21 -19.55
CA TYR B 179 -24.05 9.70 -20.32
C TYR B 179 -23.57 10.66 -21.38
N ASP B 180 -24.32 10.72 -22.49
CA ASP B 180 -23.96 11.61 -23.57
C ASP B 180 -23.98 13.06 -23.11
N ARG B 181 -22.97 13.81 -23.53
CA ARG B 181 -22.81 15.19 -23.05
C ARG B 181 -24.02 16.05 -23.39
N TRP B 182 -24.58 15.88 -24.58
CA TRP B 182 -25.73 16.69 -24.98
C TRP B 182 -27.00 16.23 -24.28
N LYS B 183 -27.07 14.96 -23.91
CA LYS B 183 -28.22 14.44 -23.19
C LYS B 183 -28.09 14.75 -21.70
N HIS B 184 -29.10 14.42 -20.98
CA HIS B 184 -29.08 14.61 -19.54
C HIS B 184 -28.69 13.32 -18.84
N PRO B 185 -28.00 13.45 -17.72
CA PRO B 185 -27.69 12.28 -16.91
C PRO B 185 -28.96 11.77 -16.25
N PHE B 186 -28.96 10.48 -16.01
CA PHE B 186 -30.03 9.86 -15.26
C PHE B 186 -30.17 10.56 -13.91
N PHE B 187 -31.38 10.97 -13.58
CA PHE B 187 -31.76 11.75 -12.40
C PHE B 187 -31.03 11.35 -11.12
N LEU B 188 -30.98 10.03 -10.95
CA LEU B 188 -30.42 9.42 -9.74
C LEU B 188 -28.91 9.28 -9.80
N ASP B 189 -28.30 9.54 -10.96
CA ASP B 189 -26.86 9.38 -11.02
C ASP B 189 -26.20 10.54 -11.78
N ASP B 190 -26.15 11.69 -11.18
CA ASP B 190 -25.48 12.81 -11.82
C ASP B 190 -24.17 13.09 -11.08
N ARG B 191 -23.07 12.61 -11.64
CA ARG B 191 -21.74 12.89 -11.12
C ARG B 191 -21.01 13.89 -12.00
N ARG B 192 -21.57 14.20 -13.16
CA ARG B 192 -20.93 15.14 -14.07
C ARG B 192 -21.07 16.57 -13.56
N THR B 193 -22.20 16.90 -12.94
CA THR B 193 -22.38 18.26 -12.44
C THR B 193 -21.52 18.55 -11.20
N PRO B 194 -21.47 17.69 -10.17
CA PRO B 194 -20.54 17.95 -9.06
C PRO B 194 -19.09 17.94 -9.50
N ALA B 195 -18.73 17.09 -10.46
CA ALA B 195 -17.37 17.10 -10.99
C ALA B 195 -17.02 18.47 -11.58
N LYS B 196 -17.98 19.11 -12.24
CA LYS B 196 -17.73 20.41 -12.84
C LYS B 196 -17.64 21.51 -11.79
N MET B 197 -18.59 21.52 -10.84
CA MET B 197 -18.56 22.53 -9.80
C MET B 197 -17.27 22.46 -9.01
N CYS B 198 -16.77 21.26 -8.79
CA CYS B 198 -15.51 21.14 -8.06
C CYS B 198 -14.36 21.61 -8.93
N LEU B 199 -14.39 21.29 -10.22
CA LEU B 199 -13.35 21.80 -11.10
C LEU B 199 -13.44 23.30 -11.22
N ASN B 200 -14.66 23.84 -11.29
CA ASN B 200 -14.86 25.26 -11.44
C ASN B 200 -14.42 26.02 -10.20
N ARG B 201 -14.71 25.48 -9.01
CA ARG B 201 -14.27 26.12 -7.78
C ARG B 201 -12.76 26.06 -7.64
N THR B 202 -12.14 24.98 -8.12
CA THR B 202 -10.69 24.78 -8.01
C THR B 202 -9.92 25.81 -8.81
N SER B 203 -10.45 26.21 -9.96
CA SER B 203 -9.95 27.18 -10.94
C SER B 203 -8.82 26.65 -11.81
N GLN B 204 -8.69 27.20 -13.02
CA GLN B 204 -7.75 26.65 -13.98
C GLN B 204 -6.31 26.71 -13.47
N GLU B 205 -5.97 27.80 -12.76
CA GLU B 205 -4.64 28.00 -12.20
C GLU B 205 -4.27 26.90 -11.23
N ASN B 206 -5.20 26.49 -10.38
CA ASN B 206 -4.89 25.61 -9.28
C ASN B 206 -5.03 24.14 -9.64
N ILE B 207 -5.39 23.81 -10.88
CA ILE B 207 -5.57 22.40 -11.22
C ILE B 207 -4.21 21.71 -11.21
N SER B 208 -4.16 20.55 -10.59
CA SER B 208 -2.93 19.82 -10.36
C SER B 208 -3.29 18.41 -9.89
N PHE B 209 -2.26 17.60 -9.67
CA PHE B 209 -2.47 16.27 -9.11
C PHE B 209 -3.25 16.33 -7.80
N GLU B 210 -2.96 17.32 -6.97
CA GLU B 210 -3.63 17.38 -5.68
C GLU B 210 -5.08 17.82 -5.83
N THR B 211 -5.33 18.88 -6.59
CA THR B 211 -6.72 19.31 -6.77
C THR B 211 -7.52 18.33 -7.63
N MET B 212 -6.86 17.64 -8.57
CA MET B 212 -7.56 16.62 -9.35
C MET B 212 -7.99 15.46 -8.48
N TYR B 213 -7.12 15.03 -7.57
CA TYR B 213 -7.51 14.01 -6.60
C TYR B 213 -8.58 14.52 -5.66
N ASP B 214 -8.63 15.85 -5.43
CA ASP B 214 -9.67 16.42 -4.59
C ASP B 214 -11.05 16.21 -5.19
N VAL B 215 -11.22 16.53 -6.48
CA VAL B 215 -12.53 16.43 -7.10
C VAL B 215 -12.97 14.96 -7.21
N LEU B 216 -12.03 14.05 -7.45
CA LEU B 216 -12.34 12.64 -7.55
C LEU B 216 -12.56 11.99 -6.19
N SER B 217 -12.38 12.75 -5.10
CA SER B 217 -12.69 12.27 -3.76
C SER B 217 -14.01 12.85 -3.23
N THR B 218 -14.62 13.77 -3.95
CA THR B 218 -15.87 14.38 -3.53
C THR B 218 -17.05 13.50 -3.94
N LYS B 219 -17.91 13.17 -2.98
CA LYS B 219 -19.10 12.42 -3.30
C LYS B 219 -20.05 13.30 -4.13
N PRO B 220 -20.71 12.72 -5.14
CA PRO B 220 -20.74 11.30 -5.48
C PRO B 220 -19.69 10.85 -6.51
N VAL B 221 -18.80 11.74 -6.94
CA VAL B 221 -17.73 11.33 -7.85
C VAL B 221 -16.92 10.19 -7.23
N LEU B 222 -16.72 10.25 -5.92
CA LEU B 222 -16.33 9.08 -5.15
C LEU B 222 -17.60 8.42 -4.62
N ASN B 223 -17.72 7.11 -4.83
CA ASN B 223 -18.90 6.38 -4.41
C ASN B 223 -18.51 4.94 -4.10
N LYS B 224 -19.50 4.15 -3.69
CA LYS B 224 -19.24 2.77 -3.29
C LYS B 224 -18.64 1.95 -4.41
N LEU B 225 -18.95 2.29 -5.67
CA LEU B 225 -18.43 1.55 -6.81
C LEU B 225 -16.99 1.89 -7.16
N THR B 226 -16.44 2.98 -6.61
CA THR B 226 -15.11 3.44 -6.97
C THR B 226 -14.06 2.44 -6.51
N VAL B 227 -13.48 1.69 -7.45
CA VAL B 227 -12.42 0.75 -7.11
C VAL B 227 -11.10 1.47 -6.92
N TYR B 228 -10.72 2.33 -7.87
CA TYR B 228 -9.45 3.03 -7.77
C TYR B 228 -9.55 4.41 -8.39
N THR B 229 -8.54 5.23 -8.11
CA THR B 229 -8.42 6.58 -8.64
C THR B 229 -7.03 6.73 -9.25
N THR B 230 -6.97 7.07 -10.53
CA THR B 230 -5.72 7.25 -11.24
C THR B 230 -5.52 8.71 -11.60
N LEU B 231 -4.35 9.25 -11.30
CA LEU B 231 -3.95 10.57 -11.76
C LEU B 231 -2.74 10.42 -12.67
N ILE B 232 -2.83 10.95 -13.88
CA ILE B 232 -1.81 10.77 -14.90
C ILE B 232 -1.21 12.13 -15.26
N ASP B 233 0.08 12.10 -15.57
CA ASP B 233 0.80 13.28 -16.06
C ASP B 233 1.71 12.79 -17.19
N VAL B 234 1.29 13.02 -18.42
CA VAL B 234 1.99 12.42 -19.57
C VAL B 234 3.37 13.04 -19.75
N THR B 235 3.47 14.37 -19.62
CA THR B 235 4.76 15.02 -19.82
C THR B 235 5.75 14.65 -18.72
N LYS B 236 5.31 14.65 -17.46
CA LYS B 236 6.18 14.34 -16.34
C LYS B 236 6.39 12.84 -16.15
N GLY B 237 5.70 11.99 -16.90
CA GLY B 237 5.85 10.56 -16.76
C GLY B 237 5.28 9.97 -15.49
N GLN B 238 4.53 10.76 -14.71
CA GLN B 238 3.97 10.28 -13.45
C GLN B 238 2.66 9.55 -13.69
N PHE B 239 2.49 8.42 -12.99
CA PHE B 239 1.29 7.59 -13.12
C PHE B 239 1.03 6.96 -11.77
N GLU B 240 0.07 7.51 -11.03
CA GLU B 240 -0.29 7.01 -9.71
C GLU B 240 -1.76 6.62 -9.70
N THR B 241 -2.04 5.47 -9.09
CA THR B 241 -3.40 5.01 -8.88
C THR B 241 -3.54 4.51 -7.45
N TYR B 242 -4.70 4.78 -6.84
CA TYR B 242 -4.90 4.52 -5.42
C TYR B 242 -6.22 3.80 -5.22
N LEU B 243 -6.18 2.72 -4.43
CA LEU B 243 -7.41 2.06 -4.02
C LEU B 243 -8.25 2.98 -3.17
N ARG B 244 -9.56 2.91 -3.33
CA ARG B 244 -10.47 3.82 -2.66
C ARG B 244 -11.47 3.06 -1.80
N ASP B 245 -12.02 3.77 -0.82
CA ASP B 245 -13.14 3.31 -0.04
C ASP B 245 -14.07 4.49 0.16
N CYS B 246 -15.37 4.22 0.27
CA CYS B 246 -16.34 5.26 0.59
C CYS B 246 -17.09 4.82 1.84
N PRO B 247 -16.62 5.22 3.01
CA PRO B 247 -17.28 4.83 4.26
C PRO B 247 -18.62 5.51 4.42
N ASP B 248 -19.56 4.80 5.05
CA ASP B 248 -20.85 5.38 5.35
C ASP B 248 -20.67 6.66 6.18
N PRO B 249 -21.38 7.74 5.85
CA PRO B 249 -22.37 7.83 4.76
C PRO B 249 -21.76 8.04 3.38
N CYS B 250 -22.33 7.40 2.37
CA CYS B 250 -21.85 7.53 1.00
C CYS B 250 -22.85 6.90 0.04
N ILE B 251 -23.05 7.55 -1.11
CA ILE B 251 -23.99 7.07 -2.11
C ILE B 251 -23.43 5.80 -2.78
N GLY B 252 -24.35 4.99 -3.31
CA GLY B 252 -23.97 3.67 -3.80
C GLY B 252 -23.43 3.64 -5.21
N TRP B 253 -23.78 4.63 -6.04
CA TRP B 253 -23.42 4.58 -7.45
C TRP B 253 -22.83 5.91 -7.92
N TRP C 16 14.32 -25.51 11.36
CA TRP C 16 14.63 -25.59 9.93
C TRP C 16 14.74 -24.22 9.29
N THR C 17 15.50 -24.21 8.22
CA THR C 17 15.84 -23.00 7.49
C THR C 17 15.47 -23.23 6.04
N GLU C 18 15.26 -22.13 5.34
CA GLU C 18 14.91 -22.11 3.94
C GLU C 18 16.10 -21.56 3.17
N ASP C 19 16.25 -21.95 1.90
CA ASP C 19 17.33 -21.37 1.11
C ASP C 19 17.15 -19.86 1.04
N CYS C 20 18.25 -19.14 1.17
CA CYS C 20 18.20 -17.68 1.16
C CYS C 20 17.42 -17.19 -0.05
N ARG C 21 16.34 -16.45 0.23
CA ARG C 21 15.45 -16.00 -0.84
C ARG C 21 16.17 -15.06 -1.79
N LYS C 22 15.85 -15.16 -3.07
CA LYS C 22 16.47 -14.36 -4.11
C LYS C 22 15.41 -13.58 -4.89
N SER C 23 15.79 -12.40 -5.34
CA SER C 23 14.96 -11.57 -6.23
C SER C 23 13.64 -11.18 -5.57
N THR C 24 13.72 -10.74 -4.30
CA THR C 24 12.53 -10.30 -3.57
C THR C 24 12.40 -8.79 -3.50
N TYR C 25 13.28 -8.05 -4.18
CA TYR C 25 13.26 -6.59 -4.10
C TYR C 25 13.22 -6.00 -5.51
N PRO C 26 12.36 -5.01 -5.78
CA PRO C 26 11.37 -4.42 -4.86
C PRO C 26 10.32 -5.41 -4.36
N PRO C 27 9.68 -5.10 -3.22
CA PRO C 27 8.76 -6.06 -2.61
C PRO C 27 7.57 -6.39 -3.50
N SER C 28 7.23 -7.67 -3.55
CA SER C 28 6.09 -8.17 -4.30
C SER C 28 5.75 -9.55 -3.77
N GLY C 29 4.57 -10.04 -4.15
CA GLY C 29 4.19 -11.41 -3.87
C GLY C 29 3.44 -11.60 -2.57
N PRO C 30 3.42 -12.84 -2.09
CA PRO C 30 2.61 -13.15 -0.90
C PRO C 30 3.17 -12.64 0.42
N THR C 31 4.42 -12.14 0.44
CA THR C 31 5.04 -11.67 1.67
C THR C 31 5.15 -10.16 1.73
N TYR C 32 4.32 -9.44 0.97
CA TYR C 32 4.30 -7.97 0.98
C TYR C 32 2.84 -7.54 1.06
N ARG C 33 2.40 -7.14 2.25
CA ARG C 33 1.01 -6.72 2.42
C ARG C 33 0.77 -5.36 1.77
N GLY C 34 1.70 -4.43 1.92
CA GLY C 34 1.55 -3.14 1.29
C GLY C 34 2.56 -2.13 1.80
N ALA C 35 2.51 -0.96 1.18
CA ALA C 35 3.37 0.14 1.59
C ALA C 35 2.86 0.76 2.88
N VAL C 36 3.67 1.63 3.47
CA VAL C 36 3.37 2.29 4.73
C VAL C 36 3.17 3.77 4.45
N PRO C 37 2.08 4.37 4.91
CA PRO C 37 1.83 5.78 4.60
C PRO C 37 2.76 6.70 5.39
N TRP C 38 3.13 7.81 4.75
CA TRP C 38 3.98 8.81 5.36
C TRP C 38 3.14 9.90 6.01
N TYR C 39 3.46 10.23 7.25
CA TYR C 39 2.88 11.37 7.94
C TYR C 39 4.00 12.32 8.34
N THR C 40 3.67 13.60 8.44
CA THR C 40 4.60 14.62 8.87
C THR C 40 4.18 15.11 10.25
N ILE C 41 5.08 14.99 11.23
CA ILE C 41 4.89 15.54 12.55
C ILE C 41 5.77 16.78 12.65
N ASN C 42 5.16 17.92 12.95
CA ASN C 42 5.89 19.17 13.08
C ASN C 42 6.24 19.37 14.55
N LEU C 43 7.54 19.37 14.86
CA LEU C 43 7.99 19.49 16.23
C LEU C 43 7.75 20.88 16.80
N ASP C 44 7.65 21.90 15.94
CA ASP C 44 7.46 23.27 16.44
C ASP C 44 6.12 23.44 17.14
N LEU C 45 5.08 22.74 16.67
CA LEU C 45 3.79 22.81 17.36
C LEU C 45 3.92 22.18 18.75
N PRO C 46 3.26 22.75 19.76
CA PRO C 46 3.39 22.24 21.12
C PRO C 46 3.11 20.75 21.20
N PRO C 47 3.72 20.04 22.15
CA PRO C 47 3.61 18.57 22.17
C PRO C 47 2.18 18.05 22.20
N TYR C 48 1.24 18.80 22.77
CA TYR C 48 -0.14 18.35 22.86
C TYR C 48 -0.81 18.20 21.50
N LYS C 49 -0.28 18.85 20.46
CA LYS C 49 -0.95 18.91 19.17
C LYS C 49 -0.13 18.31 18.02
N ARG C 50 0.96 17.59 18.32
CA ARG C 50 1.78 17.04 17.25
C ARG C 50 1.13 15.83 16.60
N TRP C 51 0.37 15.05 17.36
CA TRP C 51 -0.22 13.81 16.87
C TRP C 51 -1.68 13.95 16.48
N HIS C 52 -2.22 15.17 16.48
CA HIS C 52 -3.67 15.34 16.29
C HIS C 52 -4.12 14.85 14.92
N GLU C 53 -3.43 15.29 13.86
CA GLU C 53 -3.82 14.88 12.51
C GLU C 53 -3.70 13.37 12.32
N LEU C 54 -2.57 12.80 12.74
CA LEU C 54 -2.36 11.37 12.58
C LEU C 54 -3.34 10.57 13.43
N MET C 55 -3.58 11.00 14.67
CA MET C 55 -4.48 10.25 15.55
C MET C 55 -5.93 10.31 15.09
N LEU C 56 -6.30 11.34 14.31
CA LEU C 56 -7.66 11.38 13.78
C LEU C 56 -7.92 10.24 12.82
N ASP C 57 -6.90 9.83 12.06
CA ASP C 57 -7.07 8.76 11.08
C ASP C 57 -7.02 7.38 11.73
N LYS C 58 -6.15 7.20 12.72
CA LYS C 58 -5.83 5.88 13.26
C LYS C 58 -6.56 5.57 14.56
N ALA C 59 -7.40 6.47 15.05
CA ALA C 59 -8.12 6.22 16.31
C ALA C 59 -8.95 4.94 16.28
N PRO C 60 -9.77 4.66 15.25
CA PRO C 60 -10.57 3.42 15.30
C PRO C 60 -9.73 2.16 15.41
N MET C 61 -8.61 2.10 14.68
CA MET C 61 -7.76 0.91 14.74
C MET C 61 -7.10 0.75 16.11
N LEU C 62 -6.76 1.86 16.77
CA LEU C 62 -6.21 1.77 18.12
C LEU C 62 -7.25 1.27 19.11
N LYS C 63 -8.53 1.53 18.85
CA LYS C 63 -9.59 1.03 19.73
C LYS C 63 -9.80 -0.48 19.58
N VAL C 64 -9.39 -1.05 18.45
CA VAL C 64 -9.53 -2.49 18.28
C VAL C 64 -8.42 -3.24 19.01
N ILE C 65 -7.24 -2.62 19.16
CA ILE C 65 -6.19 -3.20 20.00
C ILE C 65 -6.65 -3.25 21.45
N VAL C 66 -7.18 -2.12 21.95
CA VAL C 66 -7.61 -2.05 23.35
C VAL C 66 -8.74 -3.03 23.62
N ASN C 67 -9.58 -3.30 22.62
CA ASN C 67 -10.63 -4.30 22.79
C ASN C 67 -10.03 -5.70 22.88
N SER C 68 -9.03 -5.99 22.06
CA SER C 68 -8.42 -7.32 22.09
C SER C 68 -7.57 -7.53 23.34
N LEU C 69 -7.06 -6.45 23.92
CA LEU C 69 -6.34 -6.57 25.19
C LEU C 69 -7.29 -6.87 26.34
N LYS C 70 -8.53 -6.36 26.26
CA LYS C 70 -9.53 -6.69 27.27
C LYS C 70 -9.86 -8.18 27.27
N ASN C 71 -9.99 -8.76 26.07
CA ASN C 71 -10.48 -10.13 25.97
C ASN C 71 -9.53 -11.14 26.60
N MET C 72 -8.21 -10.89 26.55
CA MET C 72 -7.27 -11.78 27.21
C MET C 72 -7.16 -11.49 28.70
N ILE C 73 -7.20 -10.21 29.08
CA ILE C 73 -7.24 -9.85 30.50
C ILE C 73 -8.41 -10.52 31.18
N ASN C 74 -9.56 -10.57 30.49
CA ASN C 74 -10.77 -11.19 31.03
C ASN C 74 -10.57 -12.66 31.38
N THR C 75 -9.59 -13.33 30.78
CA THR C 75 -9.38 -14.74 31.07
C THR C 75 -8.97 -14.98 32.52
N PHE C 76 -8.23 -14.04 33.12
CA PHE C 76 -7.75 -14.21 34.48
C PHE C 76 -8.50 -13.37 35.50
N VAL C 77 -8.82 -12.12 35.16
CA VAL C 77 -9.55 -11.22 36.05
C VAL C 77 -10.54 -10.44 35.19
N PRO C 78 -11.78 -10.23 35.66
CA PRO C 78 -12.76 -9.49 34.84
C PRO C 78 -12.20 -8.17 34.31
N SER C 79 -12.47 -7.91 33.04
CA SER C 79 -11.83 -6.80 32.34
C SER C 79 -12.21 -5.45 32.94
N GLY C 80 -13.48 -5.29 33.33
CA GLY C 80 -13.95 -3.99 33.79
C GLY C 80 -13.30 -3.53 35.08
N LYS C 81 -13.15 -4.43 36.05
CA LYS C 81 -12.50 -4.06 37.30
C LYS C 81 -11.05 -3.69 37.07
N VAL C 82 -10.37 -4.43 36.17
CA VAL C 82 -8.99 -4.13 35.83
C VAL C 82 -8.88 -2.75 35.18
N MET C 83 -9.77 -2.48 34.22
CA MET C 83 -9.59 -1.28 33.40
C MET C 83 -9.82 0.00 34.20
N GLN C 84 -10.70 -0.03 35.20
CA GLN C 84 -10.88 1.14 36.05
C GLN C 84 -9.58 1.50 36.74
N VAL C 85 -8.88 0.51 37.27
CA VAL C 85 -7.59 0.74 37.92
C VAL C 85 -6.61 1.37 36.93
N VAL C 86 -6.53 0.79 35.73
CA VAL C 86 -5.59 1.29 34.74
C VAL C 86 -5.94 2.73 34.39
N ASP C 87 -7.23 3.07 34.33
CA ASP C 87 -7.62 4.42 33.94
C ASP C 87 -7.54 5.40 35.09
N GLU C 88 -7.96 4.99 36.29
CA GLU C 88 -8.03 5.89 37.44
C GLU C 88 -6.72 5.94 38.22
N LYS C 89 -6.18 4.77 38.59
CA LYS C 89 -5.09 4.71 39.54
C LYS C 89 -3.71 4.75 38.88
N LEU C 90 -3.60 4.32 37.63
CA LEU C 90 -2.27 4.20 37.01
C LEU C 90 -1.64 5.55 36.71
N PRO C 91 -2.32 6.52 36.06
CA PRO C 91 -1.63 7.78 35.74
C PRO C 91 -1.06 8.49 36.96
N GLY C 92 -1.79 8.52 38.06
CA GLY C 92 -1.23 9.07 39.29
C GLY C 92 -0.15 8.20 39.88
N LEU C 93 -0.22 6.89 39.66
CA LEU C 93 0.74 5.97 40.24
C LEU C 93 2.12 6.05 39.58
N LEU C 94 2.19 6.52 38.34
CA LEU C 94 3.45 6.64 37.64
C LEU C 94 4.01 8.05 37.63
N GLY C 95 3.29 9.02 38.21
CA GLY C 95 3.71 10.40 38.13
C GLY C 95 3.57 10.91 36.70
N ASN C 96 4.15 12.07 36.48
CA ASN C 96 4.15 12.63 35.13
C ASN C 96 5.48 12.35 34.45
N PHE C 97 5.40 11.92 33.20
CA PHE C 97 6.56 11.58 32.42
C PHE C 97 7.34 12.84 32.05
N PRO C 98 8.64 12.72 31.79
CA PRO C 98 9.44 13.91 31.51
C PRO C 98 9.16 14.51 30.14
N GLY C 99 9.83 15.63 29.86
CA GLY C 99 9.90 16.22 28.54
C GLY C 99 8.58 16.30 27.78
N PRO C 100 8.65 16.11 26.46
CA PRO C 100 7.46 16.27 25.62
C PRO C 100 6.43 15.16 25.79
N PHE C 101 6.79 14.04 26.41
CA PHE C 101 5.95 12.84 26.32
C PHE C 101 4.65 12.97 27.12
N GLU C 102 4.67 13.68 28.25
CA GLU C 102 3.46 13.74 29.08
C GLU C 102 2.30 14.39 28.35
N GLU C 103 2.57 15.46 27.59
CA GLU C 103 1.50 16.09 26.81
C GLU C 103 1.35 15.47 25.43
N GLU C 104 2.42 14.93 24.86
CA GLU C 104 2.29 14.17 23.61
C GLU C 104 1.32 13.01 23.79
N MET C 105 1.41 12.31 24.92
CA MET C 105 0.46 11.23 25.21
C MET C 105 -0.90 11.78 25.62
N LYS C 106 -0.91 12.90 26.36
CA LYS C 106 -2.17 13.49 26.77
C LYS C 106 -2.98 13.95 25.57
N GLY C 107 -2.31 14.48 24.54
CA GLY C 107 -3.02 14.86 23.33
C GLY C 107 -3.58 13.67 22.59
N ILE C 108 -2.84 12.56 22.58
CA ILE C 108 -3.31 11.33 21.94
C ILE C 108 -4.57 10.81 22.63
N ALA C 109 -4.62 10.95 23.97
CA ALA C 109 -5.78 10.47 24.71
C ALA C 109 -7.03 11.28 24.38
N ALA C 110 -6.88 12.60 24.19
CA ALA C 110 -8.05 13.43 23.92
C ALA C 110 -8.55 13.24 22.49
N VAL C 111 -7.63 13.14 21.53
CA VAL C 111 -8.05 13.06 20.12
C VAL C 111 -8.64 11.70 19.81
N THR C 112 -8.05 10.63 20.34
CA THR C 112 -8.59 9.29 20.12
C THR C 112 -9.76 8.96 21.03
N ASP C 113 -10.04 9.80 22.03
CA ASP C 113 -11.08 9.52 23.03
C ASP C 113 -10.78 8.24 23.80
N ILE C 114 -9.50 7.92 23.97
CA ILE C 114 -9.05 6.75 24.70
C ILE C 114 -8.50 7.21 26.05
N PRO C 115 -8.83 6.54 27.15
CA PRO C 115 -8.35 7.00 28.47
C PRO C 115 -6.83 7.10 28.52
N LEU C 116 -6.36 8.05 29.33
CA LEU C 116 -4.93 8.35 29.39
C LEU C 116 -4.13 7.18 29.93
N GLY C 117 -4.67 6.47 30.92
CA GLY C 117 -3.96 5.31 31.45
C GLY C 117 -3.74 4.23 30.42
N GLU C 118 -4.61 4.14 29.42
CA GLU C 118 -4.44 3.15 28.36
C GLU C 118 -3.47 3.63 27.30
N ILE C 119 -3.46 4.93 27.00
CA ILE C 119 -2.45 5.48 26.12
C ILE C 119 -1.07 5.29 26.73
N ILE C 120 -0.96 5.50 28.04
CA ILE C 120 0.32 5.32 28.74
C ILE C 120 0.75 3.86 28.68
N SER C 121 -0.19 2.94 28.96
CA SER C 121 0.15 1.52 28.97
C SER C 121 0.60 1.05 27.59
N PHE C 122 0.04 1.64 26.53
CA PHE C 122 0.51 1.32 25.18
C PHE C 122 1.94 1.79 24.96
N ASN C 123 2.33 2.91 25.58
CA ASN C 123 3.64 3.49 25.33
C ASN C 123 4.73 2.84 26.18
N ILE C 124 4.39 2.35 27.36
CA ILE C 124 5.36 1.66 28.22
C ILE C 124 5.23 0.14 28.09
N PHE C 125 4.69 -0.34 26.96
CA PHE C 125 4.44 -1.77 26.81
C PHE C 125 5.73 -2.57 26.80
N TYR C 126 6.84 -1.98 26.33
CA TYR C 126 8.12 -2.68 26.34
C TYR C 126 8.52 -3.05 27.77
N GLU C 127 8.44 -2.09 28.69
CA GLU C 127 8.79 -2.36 30.08
C GLU C 127 7.87 -3.40 30.69
N LEU C 128 6.59 -3.38 30.32
CA LEU C 128 5.65 -4.39 30.77
C LEU C 128 5.80 -5.71 30.02
N PHE C 129 6.49 -5.72 28.90
CA PHE C 129 6.65 -6.89 28.03
C PHE C 129 5.30 -7.41 27.53
N CYS D 1 12.74 -9.97 16.77
CA CYS D 1 13.30 -8.91 15.92
C CYS D 1 14.65 -9.30 15.36
N THR D 2 15.03 -8.66 14.26
CA THR D 2 16.34 -8.82 13.65
C THR D 2 16.85 -7.47 13.21
N SER D 3 18.12 -7.20 13.48
CA SER D 3 18.74 -5.92 13.11
C SER D 3 20.13 -6.19 12.56
N ILE D 4 20.40 -5.64 11.38
CA ILE D 4 21.66 -5.88 10.68
C ILE D 4 22.27 -4.54 10.26
N VAL D 5 23.57 -4.40 10.46
CA VAL D 5 24.35 -3.28 9.95
C VAL D 5 25.44 -3.87 9.08
N ALA D 6 25.39 -3.61 7.78
CA ALA D 6 26.33 -4.16 6.84
C ALA D 6 27.18 -3.05 6.22
N GLU D 7 28.28 -3.47 5.59
CA GLU D 7 29.24 -2.54 5.01
C GLU D 7 29.86 -3.20 3.79
N ASP D 8 29.57 -2.67 2.60
CA ASP D 8 30.13 -3.22 1.38
C ASP D 8 31.63 -2.89 1.32
N LYS D 9 32.28 -3.40 0.27
CA LYS D 9 33.71 -3.15 0.11
C LYS D 9 34.03 -1.69 -0.21
N LYS D 10 33.03 -0.90 -0.58
CA LYS D 10 33.20 0.55 -0.76
C LYS D 10 33.04 1.33 0.54
N GLY D 11 32.87 0.65 1.67
CA GLY D 11 32.70 1.32 2.94
C GLY D 11 31.34 1.91 3.18
N HIS D 12 30.34 1.53 2.38
CA HIS D 12 29.00 2.08 2.50
C HIS D 12 28.15 1.23 3.43
N LEU D 13 27.32 1.90 4.24
CA LEU D 13 26.59 1.27 5.32
C LEU D 13 25.14 1.01 4.92
N ILE D 14 24.65 -0.19 5.24
CA ILE D 14 23.26 -0.58 5.01
C ILE D 14 22.70 -1.10 6.32
N HIS D 15 21.56 -0.55 6.75
CA HIS D 15 20.92 -0.89 8.01
C HIS D 15 19.53 -1.42 7.74
N GLY D 16 19.29 -2.68 8.07
CA GLY D 16 17.99 -3.30 7.88
C GLY D 16 17.49 -3.93 9.16
N ARG D 17 16.17 -4.01 9.27
CA ARG D 17 15.56 -4.59 10.47
C ARG D 17 14.21 -5.21 10.14
N ASN D 18 13.92 -6.31 10.83
CA ASN D 18 12.59 -6.90 10.90
C ASN D 18 12.02 -6.64 12.28
N MET D 19 10.78 -6.16 12.35
CA MET D 19 10.11 -5.87 13.60
C MET D 19 9.11 -7.00 13.88
N ASP D 20 9.45 -7.87 14.82
CA ASP D 20 8.59 -8.97 15.22
C ASP D 20 7.95 -8.64 16.57
N PHE D 21 6.62 -8.61 16.61
CA PHE D 21 5.93 -8.38 17.87
C PHE D 21 4.51 -8.93 17.79
N GLY D 22 4.09 -9.59 18.87
CA GLY D 22 2.67 -9.84 19.03
C GLY D 22 2.20 -11.20 19.52
N VAL D 23 2.99 -11.91 20.34
CA VAL D 23 2.49 -13.16 20.90
C VAL D 23 1.50 -12.94 22.04
N PHE D 24 1.51 -11.75 22.64
CA PHE D 24 0.89 -11.55 23.95
C PHE D 24 -0.63 -11.47 23.91
N LEU D 25 -1.23 -11.33 22.73
CA LEU D 25 -2.68 -11.33 22.64
C LEU D 25 -3.23 -12.63 22.08
N GLY D 26 -2.39 -13.64 21.93
CA GLY D 26 -2.86 -14.94 21.49
C GLY D 26 -2.76 -15.13 19.99
N TRP D 27 -3.35 -16.24 19.56
CA TRP D 27 -3.22 -16.76 18.21
C TRP D 27 -4.56 -16.70 17.50
N ASN D 28 -4.52 -16.46 16.19
CA ASN D 28 -5.72 -16.49 15.35
C ASN D 28 -5.83 -17.88 14.75
N ILE D 29 -6.75 -18.69 15.29
CA ILE D 29 -6.92 -20.04 14.76
C ILE D 29 -7.51 -20.01 13.36
N ASN D 30 -8.20 -18.92 12.99
CA ASN D 30 -8.90 -18.90 11.70
C ASN D 30 -7.93 -18.78 10.53
N ASN D 31 -6.89 -17.94 10.65
CA ASN D 31 -6.01 -17.67 9.52
C ASN D 31 -4.53 -17.79 9.86
N ASP D 32 -4.20 -18.43 10.98
CA ASP D 32 -2.82 -18.75 11.35
C ASP D 32 -1.95 -17.49 11.45
N THR D 33 -2.40 -16.54 12.28
CA THR D 33 -1.67 -15.32 12.54
C THR D 33 -1.76 -14.99 14.01
N TRP D 34 -0.94 -14.04 14.45
CA TRP D 34 -1.03 -13.53 15.81
C TRP D 34 -1.97 -12.33 15.85
N VAL D 35 -2.66 -12.18 16.99
CA VAL D 35 -3.70 -11.16 17.09
C VAL D 35 -3.09 -9.77 17.00
N ILE D 36 -2.04 -9.50 17.79
CA ILE D 36 -1.45 -8.17 17.81
C ILE D 36 -0.77 -7.85 16.49
N THR D 37 0.02 -8.79 15.96
CA THR D 37 0.76 -8.56 14.73
C THR D 37 -0.15 -8.08 13.60
N GLU D 38 -1.29 -8.76 13.42
CA GLU D 38 -2.24 -8.34 12.40
C GLU D 38 -2.81 -6.96 12.69
N GLN D 39 -2.94 -6.60 13.97
CA GLN D 39 -3.53 -5.32 14.34
C GLN D 39 -2.51 -4.19 14.39
N LEU D 40 -1.23 -4.48 14.23
CA LEU D 40 -0.22 -3.44 14.15
C LEU D 40 0.10 -3.03 12.73
N LYS D 41 -0.09 -3.93 11.77
CA LYS D 41 0.14 -3.60 10.36
C LYS D 41 -0.71 -2.41 9.90
N PRO D 42 -2.02 -2.36 10.16
CA PRO D 42 -2.77 -1.14 9.82
C PRO D 42 -2.45 0.04 10.70
N LEU D 43 -1.72 -0.16 11.80
CA LEU D 43 -1.30 0.92 12.68
C LEU D 43 0.11 1.44 12.36
N THR D 44 0.87 0.72 11.54
CA THR D 44 2.22 1.15 11.21
C THR D 44 2.18 2.40 10.34
N VAL D 45 3.05 3.36 10.68
CA VAL D 45 3.14 4.63 9.96
C VAL D 45 4.60 5.04 9.84
N ASN D 46 4.97 5.56 8.68
CA ASN D 46 6.24 6.27 8.53
C ASN D 46 6.06 7.71 8.97
N LEU D 47 7.07 8.25 9.64
CA LEU D 47 6.95 9.55 10.29
C LEU D 47 8.11 10.45 9.91
N ASP D 48 7.77 11.63 9.39
CA ASP D 48 8.75 12.67 9.07
C ASP D 48 8.67 13.72 10.18
N PHE D 49 9.71 13.76 11.02
CA PHE D 49 9.78 14.74 12.11
C PHE D 49 10.55 15.96 11.62
N GLN D 50 9.90 17.13 11.64
CA GLN D 50 10.46 18.33 11.05
C GLN D 50 10.50 19.46 12.06
N ARG D 51 11.61 20.22 12.02
CA ARG D 51 11.72 21.50 12.70
C ARG D 51 11.99 22.56 11.64
N ASN D 52 11.08 23.54 11.55
CA ASN D 52 11.15 24.59 10.52
C ASN D 52 11.15 23.97 9.12
N ASN D 53 10.22 23.05 8.90
CA ASN D 53 10.03 22.39 7.59
C ASN D 53 11.31 21.71 7.10
N LYS D 54 12.15 21.27 8.03
CA LYS D 54 13.37 20.53 7.71
C LYS D 54 13.37 19.25 8.53
N THR D 55 13.50 18.11 7.84
CA THR D 55 13.44 16.81 8.50
C THR D 55 14.56 16.68 9.52
N VAL D 56 14.18 16.52 10.79
CA VAL D 56 15.15 16.19 11.83
C VAL D 56 15.50 14.71 11.77
N PHE D 57 14.49 13.85 11.89
CA PHE D 57 14.69 12.41 11.75
C PHE D 57 13.40 11.80 11.19
N LYS D 58 13.57 10.71 10.45
CA LYS D 58 12.46 9.89 9.99
C LYS D 58 12.41 8.61 10.80
N ALA D 59 11.23 8.00 10.86
CA ALA D 59 11.06 6.85 11.74
C ALA D 59 9.81 6.07 11.36
N SER D 60 9.85 4.77 11.61
CA SER D 60 8.67 3.91 11.58
C SER D 60 8.19 3.72 13.01
N SER D 61 6.88 3.86 13.22
CA SER D 61 6.32 3.67 14.54
C SER D 61 4.89 3.16 14.40
N PHE D 62 4.33 2.74 15.54
CA PHE D 62 2.92 2.39 15.64
C PHE D 62 2.16 3.63 16.11
N ALA D 63 1.11 4.00 15.37
CA ALA D 63 0.38 5.22 15.66
C ALA D 63 -0.15 5.22 17.09
N GLY D 64 0.21 6.25 17.85
CA GLY D 64 -0.10 6.33 19.26
C GLY D 64 1.08 6.04 20.17
N TYR D 65 2.07 5.29 19.68
CA TYR D 65 3.30 5.05 20.42
C TYR D 65 4.27 6.17 20.10
N VAL D 66 4.51 7.05 21.08
CA VAL D 66 5.38 8.20 20.86
C VAL D 66 6.85 7.87 20.99
N GLY D 67 7.19 6.64 21.37
CA GLY D 67 8.57 6.21 21.27
C GLY D 67 8.92 5.76 19.87
N MET D 68 10.21 5.77 19.58
CA MET D 68 10.71 5.44 18.24
C MET D 68 11.59 4.19 18.33
N LEU D 69 11.10 3.08 17.76
CA LEU D 69 11.84 1.84 17.75
C LEU D 69 12.67 1.65 16.50
N THR D 70 12.46 2.48 15.47
CA THR D 70 13.17 2.38 14.21
C THR D 70 13.25 3.79 13.61
N GLY D 71 14.43 4.22 13.21
CA GLY D 71 14.56 5.54 12.62
C GLY D 71 15.98 5.85 12.25
N PHE D 72 16.19 7.10 11.83
CA PHE D 72 17.52 7.59 11.48
C PHE D 72 17.46 9.11 11.30
N LYS D 73 18.59 9.75 11.55
CA LYS D 73 18.78 11.14 11.19
C LYS D 73 19.52 11.18 9.87
N PRO D 74 18.90 11.61 8.78
CA PRO D 74 19.52 11.47 7.46
C PRO D 74 20.92 12.08 7.41
N GLY D 75 21.88 11.27 6.94
CA GLY D 75 23.26 11.68 6.85
C GLY D 75 24.06 11.52 8.11
N LEU D 76 23.45 11.12 9.22
CA LEU D 76 24.15 11.03 10.50
C LEU D 76 24.24 9.60 11.00
N PHE D 77 23.16 9.10 11.61
CA PHE D 77 23.17 7.75 12.16
C PHE D 77 21.79 7.13 12.05
N SER D 78 21.75 5.80 12.20
CA SER D 78 20.51 5.04 12.22
C SER D 78 20.44 4.24 13.52
N LEU D 79 19.21 3.94 13.95
CA LEU D 79 18.98 3.30 15.24
C LEU D 79 17.80 2.36 15.15
N THR D 80 18.00 1.12 15.62
CA THR D 80 16.91 0.16 15.78
C THR D 80 17.01 -0.45 17.17
N LEU D 81 15.86 -0.86 17.69
CA LEU D 81 15.76 -1.40 19.04
C LEU D 81 15.28 -2.85 18.96
N ASN D 82 16.01 -3.74 19.63
CA ASN D 82 15.60 -5.13 19.77
C ASN D 82 15.33 -5.45 21.23
N GLU D 83 14.22 -6.14 21.49
CA GLU D 83 13.81 -6.44 22.85
C GLU D 83 14.73 -7.48 23.46
N ARG D 84 15.18 -7.23 24.68
CA ARG D 84 16.07 -8.13 25.39
C ARG D 84 15.42 -8.63 26.67
N PHE D 85 15.53 -9.91 26.93
CA PHE D 85 14.86 -10.49 28.09
C PHE D 85 15.81 -10.64 29.28
N SER D 86 15.26 -10.46 30.47
CA SER D 86 16.04 -10.55 31.70
C SER D 86 15.24 -11.32 32.73
N ILE D 87 15.89 -11.78 33.79
CA ILE D 87 15.11 -12.45 34.84
C ILE D 87 14.13 -11.46 35.44
N ASN D 88 14.61 -10.26 35.75
CA ASN D 88 13.73 -9.31 36.38
C ASN D 88 12.81 -8.63 35.39
N GLY D 89 13.28 -8.36 34.18
CA GLY D 89 12.46 -7.65 33.23
C GLY D 89 12.45 -6.16 33.56
N GLY D 90 11.40 -5.49 33.12
CA GLY D 90 11.26 -4.08 33.42
C GLY D 90 10.61 -3.79 34.74
N TYR D 91 10.22 -4.82 35.48
CA TYR D 91 9.38 -4.62 36.66
C TYR D 91 10.15 -3.99 37.83
N LEU D 92 11.41 -4.35 38.05
CA LEU D 92 12.13 -3.65 39.11
C LEU D 92 12.32 -2.18 38.77
N GLY D 93 12.53 -1.87 37.48
CA GLY D 93 12.64 -0.47 37.08
C GLY D 93 11.35 0.30 37.28
N ILE D 94 10.22 -0.30 36.93
CA ILE D 94 8.93 0.35 37.16
C ILE D 94 8.72 0.58 38.65
N LEU D 95 9.08 -0.41 39.47
CA LEU D 95 8.88 -0.29 40.91
C LEU D 95 9.63 0.91 41.48
N GLU D 96 10.93 1.00 41.20
CA GLU D 96 11.72 2.12 41.71
C GLU D 96 11.23 3.44 41.14
N TRP D 97 10.69 3.43 39.91
CA TRP D 97 10.08 4.63 39.35
C TRP D 97 8.85 5.05 40.15
N ILE D 98 7.97 4.09 40.43
CA ILE D 98 6.76 4.40 41.20
C ILE D 98 7.12 4.97 42.57
N LEU D 99 8.12 4.37 43.21
CA LEU D 99 8.51 4.79 44.55
C LEU D 99 9.31 6.09 44.56
N GLY D 100 9.70 6.62 43.41
CA GLY D 100 10.34 7.92 43.36
C GLY D 100 11.64 7.98 42.59
N LYS D 101 12.34 6.85 42.52
CA LYS D 101 13.60 6.79 41.78
C LYS D 101 13.34 6.88 40.28
N LYS D 102 13.43 8.09 39.74
CA LYS D 102 13.14 8.33 38.33
C LYS D 102 14.39 8.79 37.58
N ASP D 103 15.55 8.29 37.98
CA ASP D 103 16.81 8.64 37.32
C ASP D 103 17.04 7.89 36.03
N ALA D 104 16.11 7.02 35.62
CA ALA D 104 16.23 6.23 34.41
C ALA D 104 15.16 6.63 33.40
N MET D 105 15.33 6.17 32.17
CA MET D 105 14.43 6.53 31.08
C MET D 105 13.75 5.29 30.52
N TRP D 106 12.52 5.49 30.04
CA TRP D 106 11.79 4.42 29.39
C TRP D 106 12.38 4.17 28.00
N ILE D 107 12.40 2.89 27.61
CA ILE D 107 13.17 2.48 26.43
C ILE D 107 12.66 3.17 25.18
N GLY D 108 11.34 3.26 25.02
CA GLY D 108 10.79 3.94 23.85
C GLY D 108 11.13 5.42 23.83
N PHE D 109 11.14 6.05 25.01
CA PHE D 109 11.44 7.48 25.07
C PHE D 109 12.92 7.76 24.84
N LEU D 110 13.80 6.83 25.22
CA LEU D 110 15.23 7.06 25.10
C LEU D 110 15.65 7.13 23.63
N THR D 111 15.24 6.14 22.83
CA THR D 111 15.57 6.17 21.40
C THR D 111 14.95 7.37 20.72
N ARG D 112 13.71 7.71 21.09
CA ARG D 112 13.06 8.89 20.55
C ARG D 112 13.85 10.15 20.89
N THR D 113 14.51 10.18 22.05
CA THR D 113 15.35 11.32 22.39
C THR D 113 16.64 11.32 21.58
N VAL D 114 17.28 10.16 21.43
CA VAL D 114 18.53 10.08 20.67
C VAL D 114 18.28 10.41 19.20
N LEU D 115 17.18 9.90 18.63
CA LEU D 115 16.86 10.20 17.24
C LEU D 115 16.51 11.66 17.04
N GLU D 116 16.02 12.34 18.08
CA GLU D 116 15.58 13.72 17.93
C GLU D 116 16.68 14.72 18.24
N ASN D 117 17.48 14.47 19.27
CA ASN D 117 18.34 15.50 19.84
C ASN D 117 19.81 15.16 19.85
N SER D 118 20.22 14.02 19.30
CA SER D 118 21.63 13.70 19.15
C SER D 118 22.08 14.07 17.74
N THR D 119 23.29 14.61 17.63
CA THR D 119 23.78 15.18 16.38
C THR D 119 24.86 14.35 15.71
N SER D 120 25.30 13.25 16.33
CA SER D 120 26.36 12.46 15.73
C SER D 120 26.24 11.01 16.19
N TYR D 121 26.94 10.14 15.47
CA TYR D 121 27.00 8.73 15.81
C TYR D 121 27.66 8.52 17.18
N GLU D 122 28.73 9.28 17.46
CA GLU D 122 29.40 9.15 18.75
C GLU D 122 28.50 9.58 19.89
N GLU D 123 27.78 10.69 19.73
CA GLU D 123 26.89 11.18 20.78
C GLU D 123 25.73 10.21 21.02
N ALA D 124 25.16 9.67 19.94
CA ALA D 124 24.13 8.66 20.07
C ALA D 124 24.67 7.43 20.79
N LYS D 125 25.83 6.92 20.34
CA LYS D 125 26.43 5.75 20.95
C LYS D 125 26.73 5.96 22.42
N ASN D 126 27.23 7.15 22.78
CA ASN D 126 27.53 7.43 24.18
C ASN D 126 26.28 7.42 25.04
N LEU D 127 25.20 8.01 24.55
CA LEU D 127 23.95 8.04 25.33
C LEU D 127 23.32 6.67 25.43
N LEU D 128 23.35 5.89 24.34
CA LEU D 128 22.78 4.55 24.37
C LEU D 128 23.59 3.61 25.26
N THR D 129 24.88 3.87 25.41
CA THR D 129 25.74 3.01 26.23
C THR D 129 25.61 3.34 27.71
N LYS D 130 25.50 4.63 28.05
CA LYS D 130 25.66 5.07 29.43
C LYS D 130 24.35 5.37 30.15
N THR D 131 23.26 5.61 29.44
CA THR D 131 22.04 6.08 30.08
C THR D 131 21.35 4.96 30.85
N LYS D 132 20.88 5.29 32.05
CA LYS D 132 20.09 4.36 32.83
C LYS D 132 18.73 4.14 32.17
N ILE D 133 18.31 2.88 32.13
CA ILE D 133 17.03 2.50 31.54
C ILE D 133 16.26 1.64 32.54
N LEU D 134 14.95 1.56 32.33
CA LEU D 134 14.09 0.78 33.22
C LEU D 134 14.07 -0.70 32.88
N ALA D 135 14.55 -1.09 31.71
CA ALA D 135 14.49 -2.47 31.25
C ALA D 135 15.65 -2.73 30.31
N PRO D 136 16.18 -3.94 30.27
CA PRO D 136 17.27 -4.25 29.35
C PRO D 136 16.82 -4.15 27.90
N ALA D 137 17.79 -4.01 27.00
CA ALA D 137 17.50 -3.85 25.59
C ALA D 137 18.77 -4.11 24.79
N TYR D 138 18.60 -4.29 23.49
CA TYR D 138 19.67 -4.19 22.51
C TYR D 138 19.47 -2.92 21.70
N PHE D 139 20.53 -2.13 21.58
CA PHE D 139 20.53 -0.96 20.71
C PHE D 139 21.49 -1.24 19.56
N ILE D 140 20.97 -1.19 18.34
CA ILE D 140 21.75 -1.42 17.13
C ILE D 140 21.87 -0.09 16.40
N LEU D 141 23.09 0.44 16.32
CA LEU D 141 23.35 1.79 15.83
C LEU D 141 24.33 1.73 14.67
N GLY D 142 24.01 2.45 13.60
CA GLY D 142 24.91 2.58 12.47
C GLY D 142 25.18 4.04 12.16
N GLY D 143 26.33 4.29 11.57
CA GLY D 143 26.83 5.63 11.36
C GLY D 143 26.82 6.07 9.91
N ASN D 144 27.66 7.07 9.61
CA ASN D 144 27.71 7.66 8.29
C ASN D 144 29.06 7.50 7.60
N GLN D 145 30.03 6.85 8.24
CA GLN D 145 31.30 6.49 7.63
C GLN D 145 31.49 4.98 7.73
N SER D 146 32.62 4.52 7.22
CA SER D 146 32.96 3.10 7.34
C SER D 146 33.19 2.72 8.80
N GLY D 147 32.94 1.45 9.12
CA GLY D 147 33.18 0.92 10.44
C GLY D 147 32.34 1.50 11.55
N GLU D 148 31.33 2.31 11.23
CA GLU D 148 30.50 2.96 12.24
C GLU D 148 29.21 2.17 12.45
N GLY D 149 29.37 0.96 12.99
CA GLY D 149 28.24 0.11 13.27
C GLY D 149 28.47 -0.75 14.50
N CYS D 150 27.47 -0.87 15.36
CA CYS D 150 27.65 -1.61 16.60
C CYS D 150 26.31 -2.08 17.15
N VAL D 151 26.39 -3.05 18.06
CA VAL D 151 25.26 -3.55 18.81
C VAL D 151 25.56 -3.37 20.29
N ILE D 152 24.65 -2.71 21.01
CA ILE D 152 24.85 -2.37 22.42
C ILE D 152 23.91 -3.24 23.24
N THR D 153 24.42 -4.36 23.74
CA THR D 153 23.67 -5.18 24.69
C THR D 153 23.58 -4.46 26.02
N ARG D 154 22.36 -4.20 26.49
CA ARG D 154 22.17 -3.30 27.62
C ARG D 154 21.61 -4.02 28.84
N ASP D 155 22.12 -3.62 30.00
CA ASP D 155 21.49 -3.79 31.28
C ASP D 155 20.80 -2.48 31.67
N ARG D 156 20.02 -2.52 32.74
CA ARG D 156 19.34 -1.30 33.17
C ARG D 156 20.35 -0.23 33.60
N LYS D 157 21.46 -0.64 34.22
CA LYS D 157 22.46 0.30 34.72
C LYS D 157 23.86 -0.04 34.25
N GLU D 158 24.01 -0.80 33.16
CA GLU D 158 25.33 -1.18 32.70
C GLU D 158 25.29 -1.56 31.22
N SER D 159 26.42 -1.33 30.55
CA SER D 159 26.62 -1.77 29.17
C SER D 159 27.45 -3.05 29.20
N LEU D 160 26.80 -4.18 28.90
CA LEU D 160 27.49 -5.46 29.02
C LEU D 160 28.51 -5.67 27.90
N ASP D 161 28.17 -5.25 26.68
CA ASP D 161 29.07 -5.49 25.56
C ASP D 161 28.69 -4.57 24.40
N VAL D 162 29.71 -4.00 23.77
CA VAL D 162 29.57 -3.22 22.54
C VAL D 162 30.30 -3.96 21.43
N TYR D 163 29.57 -4.34 20.39
CA TYR D 163 30.07 -5.20 19.32
C TYR D 163 30.15 -4.39 18.04
N GLU D 164 31.36 -4.09 17.59
CA GLU D 164 31.58 -3.10 16.54
C GLU D 164 32.06 -3.74 15.24
N LEU D 165 31.77 -3.06 14.14
CA LEU D 165 32.23 -3.48 12.83
C LEU D 165 33.76 -3.44 12.76
N ASP D 166 34.33 -4.41 12.05
CA ASP D 166 35.78 -4.47 11.86
C ASP D 166 36.05 -4.86 10.41
N ALA D 167 36.35 -3.87 9.57
CA ALA D 167 36.74 -4.16 8.20
C ALA D 167 38.14 -4.77 8.14
N LYS D 168 38.98 -4.47 9.13
CA LYS D 168 40.32 -5.06 9.17
C LYS D 168 40.23 -6.57 9.38
N GLN D 169 39.45 -7.01 10.36
CA GLN D 169 39.33 -8.42 10.68
C GLN D 169 38.39 -9.18 9.75
N GLY D 170 37.78 -8.50 8.78
CA GLY D 170 36.83 -9.16 7.90
C GLY D 170 35.43 -9.28 8.47
N ARG D 171 35.10 -8.47 9.47
CA ARG D 171 33.77 -8.44 10.07
C ARG D 171 33.01 -7.28 9.45
N TRP D 172 32.36 -7.55 8.32
CA TRP D 172 31.69 -6.49 7.57
C TRP D 172 30.23 -6.30 7.97
N TYR D 173 29.69 -7.13 8.87
CA TYR D 173 28.34 -6.92 9.37
C TYR D 173 28.28 -7.22 10.86
N VAL D 174 27.20 -6.73 11.49
CA VAL D 174 26.81 -7.13 12.83
C VAL D 174 25.34 -7.52 12.78
N VAL D 175 24.97 -8.50 13.59
CA VAL D 175 23.60 -9.02 13.62
C VAL D 175 23.18 -9.19 15.07
N GLN D 176 21.93 -8.82 15.37
CA GLN D 176 21.38 -8.98 16.70
C GLN D 176 19.91 -9.34 16.58
N THR D 177 19.50 -10.45 17.20
CA THR D 177 18.09 -10.76 17.32
C THR D 177 17.63 -10.51 18.75
N ASN D 178 17.29 -11.56 19.49
CA ASN D 178 16.74 -11.41 20.84
C ASN D 178 17.53 -12.18 21.88
N TYR D 179 18.79 -12.52 21.60
CA TYR D 179 19.59 -13.30 22.53
C TYR D 179 21.00 -12.75 22.58
N ASP D 180 21.61 -12.81 23.77
CA ASP D 180 22.95 -12.30 23.95
C ASP D 180 23.93 -13.01 23.03
N ARG D 181 24.89 -12.26 22.50
CA ARG D 181 25.69 -12.82 21.43
C ARG D 181 26.66 -13.89 21.94
N TRP D 182 27.10 -13.80 23.20
CA TRP D 182 28.00 -14.83 23.72
C TRP D 182 27.27 -16.12 24.09
N LYS D 183 25.96 -16.06 24.32
CA LYS D 183 25.15 -17.25 24.54
C LYS D 183 24.51 -17.67 23.21
N HIS D 184 24.30 -18.98 23.03
CA HIS D 184 23.58 -19.19 21.78
C HIS D 184 22.08 -19.14 22.01
N PRO D 185 21.28 -18.94 20.96
CA PRO D 185 19.86 -18.64 21.17
C PRO D 185 19.08 -19.83 21.69
N PHE D 186 17.84 -19.55 22.08
CA PHE D 186 16.91 -20.61 22.42
C PHE D 186 16.74 -21.56 21.24
N PHE D 187 16.74 -22.86 21.53
CA PHE D 187 16.80 -23.84 20.45
C PHE D 187 15.60 -23.76 19.52
N LEU D 188 14.46 -23.29 20.02
CA LEU D 188 13.28 -23.16 19.17
C LEU D 188 13.24 -21.85 18.40
N ASP D 189 14.15 -20.90 18.69
CA ASP D 189 14.14 -19.60 18.04
C ASP D 189 15.58 -19.19 17.71
N ASP D 190 16.17 -19.84 16.71
CA ASP D 190 17.48 -19.48 16.20
C ASP D 190 17.28 -18.77 14.85
N ARG D 191 17.23 -17.45 14.89
CA ARG D 191 17.20 -16.63 13.69
C ARG D 191 18.52 -15.92 13.43
N ARG D 192 19.45 -15.96 14.39
CA ARG D 192 20.76 -15.33 14.18
C ARG D 192 21.62 -16.14 13.23
N THR D 193 21.60 -17.47 13.37
CA THR D 193 22.37 -18.32 12.45
C THR D 193 21.87 -18.25 11.02
N PRO D 194 20.57 -18.37 10.72
CA PRO D 194 20.13 -18.21 9.33
C PRO D 194 20.43 -16.82 8.77
N ALA D 195 20.34 -15.78 9.61
CA ALA D 195 20.65 -14.43 9.13
C ALA D 195 22.12 -14.30 8.76
N LYS D 196 23.01 -14.96 9.50
CA LYS D 196 24.42 -14.93 9.15
C LYS D 196 24.72 -15.83 7.97
N MET D 197 24.01 -16.96 7.84
CA MET D 197 24.19 -17.82 6.68
C MET D 197 23.86 -17.07 5.40
N CYS D 198 22.72 -16.38 5.37
CA CYS D 198 22.32 -15.65 4.19
C CYS D 198 23.25 -14.47 3.92
N LEU D 199 23.73 -13.81 4.98
CA LEU D 199 24.66 -12.71 4.79
C LEU D 199 26.00 -13.22 4.26
N ASN D 200 26.50 -14.34 4.80
CA ASN D 200 27.75 -14.90 4.29
C ASN D 200 27.61 -15.28 2.81
N ARG D 201 26.46 -15.85 2.42
CA ARG D 201 26.27 -16.24 1.02
C ARG D 201 26.13 -15.03 0.09
N THR D 202 25.63 -13.90 0.61
CA THR D 202 25.54 -12.70 -0.19
C THR D 202 26.92 -12.10 -0.45
N SER D 203 27.83 -12.22 0.52
CA SER D 203 29.21 -11.73 0.44
C SER D 203 29.27 -10.21 0.47
N GLN D 204 30.39 -9.67 0.94
CA GLN D 204 30.47 -8.24 1.26
C GLN D 204 30.29 -7.37 0.01
N GLU D 205 30.77 -7.82 -1.15
CA GLU D 205 30.69 -7.00 -2.35
C GLU D 205 29.27 -6.82 -2.86
N ASN D 206 28.36 -7.74 -2.54
CA ASN D 206 27.01 -7.71 -3.07
C ASN D 206 26.00 -7.03 -2.16
N ILE D 207 26.39 -6.60 -0.95
CA ILE D 207 25.41 -6.13 0.01
C ILE D 207 24.80 -4.82 -0.49
N SER D 208 23.49 -4.71 -0.32
CA SER D 208 22.70 -3.59 -0.83
C SER D 208 21.31 -3.68 -0.21
N PHE D 209 20.47 -2.70 -0.53
CA PHE D 209 19.06 -2.77 -0.14
C PHE D 209 18.42 -4.06 -0.65
N GLU D 210 18.63 -4.36 -1.93
CA GLU D 210 18.02 -5.54 -2.55
C GLU D 210 18.48 -6.83 -1.87
N THR D 211 19.76 -6.89 -1.50
CA THR D 211 20.28 -8.13 -0.91
C THR D 211 19.83 -8.28 0.55
N MET D 212 19.77 -7.17 1.30
CA MET D 212 19.36 -7.27 2.69
C MET D 212 17.90 -7.66 2.83
N TYR D 213 17.05 -7.14 1.95
CA TYR D 213 15.65 -7.55 1.94
C TYR D 213 15.51 -9.04 1.68
N ASP D 214 16.40 -9.60 0.86
CA ASP D 214 16.45 -11.05 0.69
C ASP D 214 16.75 -11.74 2.02
N VAL D 215 17.74 -11.23 2.75
CA VAL D 215 18.08 -11.78 4.06
C VAL D 215 16.87 -11.74 4.97
N LEU D 216 16.25 -10.57 5.11
CA LEU D 216 15.13 -10.37 6.03
C LEU D 216 13.82 -10.94 5.52
N SER D 217 13.79 -11.51 4.31
CA SER D 217 12.62 -12.21 3.81
C SER D 217 12.77 -13.73 3.89
N THR D 218 13.89 -14.22 4.39
CA THR D 218 14.14 -15.66 4.49
C THR D 218 13.64 -16.18 5.84
N LYS D 219 12.80 -17.21 5.79
CA LYS D 219 12.38 -17.85 7.02
C LYS D 219 13.57 -18.55 7.67
N PRO D 220 13.70 -18.50 9.01
CA PRO D 220 12.72 -17.90 9.93
C PRO D 220 12.97 -16.44 10.29
N VAL D 221 13.98 -15.79 9.69
CA VAL D 221 14.20 -14.37 9.96
C VAL D 221 12.93 -13.57 9.64
N LEU D 222 12.26 -13.93 8.54
CA LEU D 222 10.88 -13.54 8.34
C LEU D 222 9.99 -14.61 8.95
N ASN D 223 9.03 -14.19 9.76
CA ASN D 223 8.18 -15.13 10.49
C ASN D 223 6.82 -14.48 10.71
N LYS D 224 5.94 -15.21 11.41
CA LYS D 224 4.56 -14.74 11.57
C LYS D 224 4.49 -13.43 12.35
N LEU D 225 5.37 -13.25 13.32
CA LEU D 225 5.36 -12.04 14.14
C LEU D 225 5.85 -10.81 13.39
N THR D 226 6.40 -10.97 12.21
CA THR D 226 7.02 -9.86 11.49
C THR D 226 5.96 -8.88 11.02
N VAL D 227 5.91 -7.71 11.65
CA VAL D 227 4.99 -6.67 11.22
C VAL D 227 5.53 -5.95 9.99
N TYR D 228 6.81 -5.58 10.00
CA TYR D 228 7.37 -4.86 8.87
C TYR D 228 8.86 -5.11 8.72
N THR D 229 9.38 -4.74 7.54
CA THR D 229 10.79 -4.73 7.20
C THR D 229 11.20 -3.29 6.92
N THR D 230 12.39 -2.89 7.39
CA THR D 230 12.87 -1.55 7.17
C THR D 230 14.32 -1.60 6.68
N LEU D 231 14.56 -1.03 5.51
CA LEU D 231 15.90 -0.87 4.97
C LEU D 231 16.29 0.60 5.03
N ILE D 232 17.51 0.88 5.48
CA ILE D 232 17.95 2.24 5.75
C ILE D 232 19.30 2.47 5.07
N ASP D 233 19.43 3.62 4.40
CA ASP D 233 20.69 4.09 3.86
C ASP D 233 20.88 5.52 4.34
N VAL D 234 21.86 5.73 5.21
CA VAL D 234 21.94 6.99 5.95
C VAL D 234 22.45 8.12 5.06
N THR D 235 23.54 7.89 4.32
CA THR D 235 24.13 8.96 3.52
C THR D 235 23.28 9.32 2.31
N LYS D 236 22.36 8.45 1.89
CA LYS D 236 21.47 8.77 0.77
C LYS D 236 20.14 9.37 1.23
N GLY D 237 19.81 9.24 2.51
CA GLY D 237 18.59 9.81 3.03
C GLY D 237 17.32 9.03 2.73
N GLN D 238 17.44 7.80 2.27
CA GLN D 238 16.27 6.98 1.94
C GLN D 238 15.92 6.07 3.12
N PHE D 239 14.61 5.82 3.26
CA PHE D 239 14.10 5.10 4.42
C PHE D 239 12.78 4.44 4.00
N GLU D 240 12.83 3.14 3.76
CA GLU D 240 11.70 2.39 3.24
C GLU D 240 11.25 1.34 4.24
N THR D 241 9.93 1.19 4.38
CA THR D 241 9.34 0.26 5.33
C THR D 241 8.17 -0.45 4.67
N TYR D 242 8.18 -1.78 4.71
CA TYR D 242 7.16 -2.58 4.05
C TYR D 242 6.50 -3.51 5.07
N LEU D 243 5.17 -3.43 5.17
CA LEU D 243 4.44 -4.43 5.94
C LEU D 243 4.66 -5.81 5.32
N ARG D 244 4.74 -6.82 6.19
CA ARG D 244 5.06 -8.16 5.74
C ARG D 244 3.94 -9.13 6.08
N ASP D 245 3.90 -10.21 5.32
CA ASP D 245 3.09 -11.37 5.64
C ASP D 245 3.97 -12.60 5.50
N CYS D 246 3.57 -13.68 6.18
CA CYS D 246 4.26 -14.96 6.09
C CYS D 246 3.19 -16.02 5.87
N PRO D 247 2.80 -16.26 4.63
CA PRO D 247 1.75 -17.26 4.37
C PRO D 247 2.23 -18.65 4.72
N ASP D 248 1.29 -19.47 5.18
CA ASP D 248 1.59 -20.87 5.44
C ASP D 248 2.14 -21.51 4.16
N PRO D 249 3.22 -22.30 4.24
CA PRO D 249 3.95 -22.63 5.48
C PRO D 249 4.89 -21.52 5.95
N CYS D 250 4.91 -21.28 7.26
CA CYS D 250 5.82 -20.33 7.89
C CYS D 250 5.81 -20.55 9.39
N ILE D 251 6.95 -20.32 10.02
CA ILE D 251 7.12 -20.55 11.45
C ILE D 251 6.55 -19.37 12.23
N GLY D 252 5.99 -19.67 13.40
CA GLY D 252 5.21 -18.69 14.13
C GLY D 252 5.99 -17.64 14.88
N TRP D 253 7.29 -17.83 15.06
CA TRP D 253 8.09 -16.90 15.85
C TRP D 253 9.51 -16.77 15.29
C1 NAG E . -17.11 -6.41 3.20
C2 NAG E . -15.65 -5.98 3.01
C3 NAG E . -15.00 -6.78 1.89
C4 NAG E . -15.12 -8.28 2.19
C5 NAG E . -16.60 -8.64 2.39
C6 NAG E . -16.80 -10.08 2.80
C7 NAG E . -15.43 -3.63 3.69
C8 NAG E . -15.31 -2.21 3.22
N2 NAG E . -15.54 -4.55 2.73
O3 NAG E . -13.64 -6.42 1.75
O4 NAG E . -14.60 -9.01 1.08
O5 NAG E . -17.17 -7.83 3.43
O6 NAG E . -16.68 -10.26 4.20
O7 NAG E . -15.43 -3.92 4.88
C1 NAG E . -13.31 -9.65 1.32
C2 NAG E . -13.28 -10.79 0.31
C3 NAG E . -11.96 -11.56 0.42
C4 NAG E . -10.75 -10.64 0.36
C5 NAG E . -10.91 -9.47 1.34
C6 NAG E . -9.84 -8.43 1.22
C7 NAG E . -15.40 -11.79 -0.40
C8 NAG E . -16.48 -12.76 -0.05
N2 NAG E . -14.41 -11.68 0.49
O3 NAG E . -11.95 -12.49 -0.65
O4 NAG E . -9.52 -11.30 0.69
O5 NAG E . -12.18 -8.81 1.14
O6 NAG E . -10.25 -7.34 0.40
O7 NAG E . -15.42 -11.12 -1.42
C1 NAG E . -9.10 -12.48 -0.07
C2 NAG E . -7.62 -12.86 0.11
C3 NAG E . -7.32 -14.18 -0.63
C4 NAG E . -8.28 -15.27 -0.21
C5 NAG E . -9.72 -14.81 -0.40
C6 NAG E . -10.74 -15.81 0.11
C7 NAG E . -5.80 -11.75 -1.25
C8 NAG E . -4.99 -10.49 -1.34
N2 NAG E . -6.70 -11.78 -0.25
O3 NAG E . -5.97 -14.58 -0.38
O4 NAG E . -8.06 -16.45 -0.98
O5 NAG E . -9.94 -13.59 0.32
O6 NAG E . -10.19 -16.61 1.14
O7 NAG E . -5.65 -12.66 -2.06
C1 NAG F . 1.47 -4.40 -31.91
C2 NAG F . 0.67 -5.67 -31.63
C3 NAG F . 1.59 -6.88 -31.72
C4 NAG F . 2.39 -6.89 -33.01
C5 NAG F . 3.03 -5.53 -33.29
C6 NAG F . 3.60 -5.42 -34.69
C7 NAG F . -1.28 -5.60 -30.15
C8 NAG F . -1.76 -5.55 -28.73
N2 NAG F . 0.04 -5.61 -30.32
O3 NAG F . 0.81 -8.06 -31.63
O4 NAG F . 3.47 -7.82 -32.89
O5 NAG F . 2.05 -4.49 -33.19
O6 NAG F . 2.69 -4.78 -35.57
O7 NAG F . -2.06 -5.64 -31.10
C1 NAG F . 3.24 -9.03 -33.62
C2 NAG F . 4.47 -9.90 -33.38
C3 NAG F . 4.32 -11.23 -34.10
C4 NAG F . 3.03 -11.91 -33.67
C5 NAG F . 1.83 -10.97 -33.84
C6 NAG F . 0.56 -11.53 -33.24
C7 NAG F . 6.41 -8.45 -33.00
C8 NAG F . 7.62 -7.81 -33.60
N2 NAG F . 5.68 -9.22 -33.81
O3 NAG F . 5.43 -12.06 -33.79
O4 NAG F . 2.80 -13.07 -34.46
O5 NAG F . 2.08 -9.72 -33.16
O6 NAG F . 0.62 -11.51 -31.82
O7 NAG F . 6.10 -8.26 -31.82
C1 NAG G . -6.71 -12.75 10.26
C2 NAG G . -6.25 -11.61 9.33
C3 NAG G . -6.28 -10.27 10.08
C4 NAG G . -7.66 -10.02 10.66
C5 NAG G . -8.05 -11.20 11.55
C6 NAG G . -9.46 -11.09 12.11
C7 NAG G . -4.72 -12.50 7.63
C8 NAG G . -3.30 -12.68 7.22
N2 NAG G . -4.93 -11.88 8.79
O3 NAG G . -5.93 -9.23 9.18
O4 NAG G . -7.64 -8.83 11.42
O5 NAG G . -8.00 -12.43 10.80
O6 NAG G . -10.43 -11.56 11.19
O7 NAG G . -5.65 -12.91 6.94
C1 NAG G . -8.30 -7.68 10.81
C2 NAG G . -8.79 -6.82 11.96
C3 NAG G . -9.52 -5.59 11.43
C4 NAG G . -8.62 -4.80 10.48
C5 NAG G . -8.08 -5.73 9.39
C6 NAG G . -7.04 -5.08 8.51
C7 NAG G . -9.18 -8.06 14.04
C8 NAG G . -10.18 -8.81 14.88
N2 NAG G . -9.63 -7.56 12.88
O3 NAG G . -9.90 -4.82 12.57
O4 NAG G . -9.27 -3.70 9.85
O5 NAG G . -7.45 -6.90 9.95
O6 NAG G . -6.11 -6.02 8.00
O7 NAG G . -8.01 -7.90 14.40
C1 NAG G . -9.84 -2.66 10.73
C2 NAG G . -9.89 -1.20 10.17
C3 NAG G . -10.65 -0.30 11.14
C4 NAG G . -12.00 -0.89 11.52
C5 NAG G . -11.82 -2.30 12.05
C6 NAG G . -13.12 -2.98 12.38
C7 NAG G . -8.22 0.18 8.96
C8 NAG G . -9.33 0.59 8.04
N2 NAG G . -8.55 -0.69 9.94
O3 NAG G . -10.84 1.00 10.59
O4 NAG G . -12.62 -0.09 12.52
O5 NAG G . -11.18 -3.10 11.06
O6 NAG G . -13.09 -4.36 12.04
O7 NAG G . -7.08 0.60 8.81
C1 NAG H . 15.19 18.07 22.62
C2 NAG H . 14.08 17.54 23.53
C3 NAG H . 13.00 18.60 23.74
C4 NAG H . 13.61 19.94 24.16
C5 NAG H . 14.76 20.33 23.23
C6 NAG H . 15.50 21.56 23.69
C7 NAG H . 13.29 15.22 23.69
C8 NAG H . 12.67 14.07 22.95
N2 NAG H . 13.50 16.33 22.98
O3 NAG H . 12.10 18.16 24.75
O4 NAG H . 12.61 20.95 24.05
O5 NAG H . 15.71 19.27 23.16
O6 NAG H . 16.82 21.22 24.12
O7 NAG H . 13.60 15.14 24.88
C1 NAG H . 12.24 21.53 25.30
C2 NAG H . 11.67 22.92 24.97
C3 NAG H . 11.15 23.60 26.23
C4 NAG H . 10.14 22.70 26.93
C5 NAG H . 10.78 21.35 27.23
C6 NAG H . 9.83 20.36 27.85
C7 NAG H . 12.84 23.80 23.01
C8 NAG H . 13.93 24.71 22.51
N2 NAG H . 12.68 23.75 24.32
O3 NAG H . 10.53 24.83 25.88
O4 NAG H . 9.71 23.30 28.16
O5 NAG H . 11.25 20.77 26.00
O6 NAG H . 9.00 19.74 26.87
O7 NAG H . 12.15 23.13 22.24
S SO4 I . -22.02 -31.77 -29.50
O1 SO4 I . -20.73 -32.13 -30.08
O2 SO4 I . -21.92 -30.46 -28.87
O3 SO4 I . -23.03 -31.72 -30.56
O4 SO4 I . -22.40 -32.78 -28.52
S SO4 J . -27.36 -2.35 -20.80
O1 SO4 J . -26.65 -1.40 -21.66
O2 SO4 J . -26.47 -3.43 -20.40
O3 SO4 J . -28.49 -2.91 -21.53
O4 SO4 J . -27.83 -1.65 -19.61
S SO4 K . -16.21 -28.16 -17.40
O1 SO4 K . -15.38 -27.30 -16.58
O2 SO4 K . -16.29 -27.66 -18.77
O3 SO4 K . -15.75 -29.52 -17.39
O4 SO4 K . -17.52 -28.11 -16.85
C1 NAG L . 4.66 14.83 -28.20
C2 NAG L . 6.16 14.55 -28.19
C3 NAG L . 6.75 14.67 -29.59
C4 NAG L . 5.97 13.79 -30.57
C5 NAG L . 4.48 14.09 -30.49
C6 NAG L . 3.65 13.17 -31.34
C7 NAG L . 6.94 16.74 -27.35
C8 NAG L . 7.72 17.43 -26.27
N2 NAG L . 6.87 15.40 -27.24
O3 NAG L . 8.12 14.29 -29.58
O4 NAG L . 6.43 14.01 -31.89
O5 NAG L . 4.01 13.96 -29.14
O6 NAG L . 2.29 13.59 -31.40
O7 NAG L . 6.40 17.36 -28.26
C07 JRY M . -16.54 3.17 -16.09
C09 JRY M . -15.96 1.24 -16.41
C10 JRY M . -15.38 -0.07 -16.90
C11 JRY M . -16.14 -1.32 -17.18
C12 JRY M . -15.13 -2.38 -16.79
C13 JRY M . -15.31 -3.64 -17.63
C14 JRY M . -14.65 -4.86 -17.00
N08 JRY M . -17.08 2.02 -16.70
O15 JRY M . -17.31 4.02 -16.20
S SO4 N . -25.93 0.28 -31.04
O1 SO4 N . -24.82 1.22 -31.17
O2 SO4 N . -26.20 -0.33 -32.34
O3 SO4 N . -25.59 -0.76 -30.08
O4 SO4 N . -27.11 1.02 -30.58
S SO4 O . -19.84 -3.34 -42.92
O1 SO4 O . -19.01 -2.23 -43.38
O2 SO4 O . -20.09 -4.25 -44.02
O3 SO4 O . -21.10 -2.82 -42.41
O4 SO4 O . -19.14 -4.05 -41.85
S SO4 P . -25.89 -2.40 -37.66
O1 SO4 P . -25.16 -1.31 -37.03
O2 SO4 P . -25.86 -2.20 -39.11
O3 SO4 P . -25.26 -3.68 -37.33
O4 SO4 P . -27.28 -2.40 -37.20
S SO4 Q . 5.71 13.09 40.84
O1 SO4 Q . 6.88 12.20 40.83
O2 SO4 Q . 5.72 13.92 39.63
O3 SO4 Q . 4.49 12.29 40.88
O4 SO4 Q . 5.78 13.95 42.02
S SO4 R . 10.32 -11.04 30.88
O1 SO4 R . 11.45 -11.52 31.68
O2 SO4 R . 10.82 -10.64 29.56
O3 SO4 R . 9.34 -12.11 30.72
O4 SO4 R . 9.71 -9.89 31.55
S SO4 S . -13.11 4.26 33.90
O1 SO4 S . -12.06 4.61 34.87
O2 SO4 S . -12.63 4.51 32.55
O3 SO4 S . -13.47 2.85 34.06
O4 SO4 S . -14.27 5.08 34.16
C1 NAG T . 28.88 12.34 9.71
C2 NAG T . 28.89 13.51 8.73
C3 NAG T . 29.76 14.66 9.25
C4 NAG T . 29.32 15.04 10.66
C5 NAG T . 29.33 13.80 11.55
C6 NAG T . 28.86 14.09 12.96
C7 NAG T . 28.53 12.81 6.40
C8 NAG T . 29.19 12.37 5.12
N2 NAG T . 29.36 13.08 7.41
O3 NAG T . 29.62 15.78 8.39
O4 NAG T . 30.20 16.02 11.19
O5 NAG T . 28.47 12.80 11.01
O6 NAG T . 29.89 14.68 13.74
O7 NAG T . 27.32 12.91 6.50
C1 NAG U . 29.95 -16.84 8.52
C2 NAG U . 29.67 -18.31 9.00
C3 NAG U . 30.57 -18.76 10.18
C4 NAG U . 31.96 -18.15 10.19
C5 NAG U . 31.85 -16.68 9.91
C6 NAG U . 33.17 -15.95 9.99
C7 NAG U . 27.33 -19.03 8.67
C8 NAG U . 25.97 -19.06 9.30
N2 NAG U . 28.28 -18.43 9.40
O3 NAG U . 30.69 -20.18 10.11
O4 NAG U . 32.54 -18.33 11.48
O5 NAG U . 31.35 -16.55 8.58
O6 NAG U . 33.54 -15.72 11.34
O7 NAG U . 27.56 -19.51 7.57
C07 JRY V . 11.90 -6.97 18.84
C09 JRY V . 10.57 -5.38 19.52
C10 JRY V . 9.42 -4.56 20.05
C11 JRY V . 8.67 -4.62 21.35
C12 JRY V . 7.42 -3.81 21.05
C13 JRY V . 7.09 -2.82 22.16
C14 JRY V . 5.84 -2.00 21.87
N08 JRY V . 11.21 -6.55 20.00
O15 JRY V . 12.51 -7.94 19.02
S SO4 W . 21.92 -9.42 33.06
O1 SO4 W . 23.19 -9.15 33.72
O2 SO4 W . 21.70 -8.44 32.00
O3 SO4 W . 21.94 -10.76 32.47
O4 SO4 W . 20.84 -9.34 34.06
S SO4 X . 19.36 -2.34 41.13
O1 SO4 X . 19.90 -1.08 41.61
O2 SO4 X . 19.92 -2.66 39.82
O3 SO4 X . 19.69 -3.41 42.07
O4 SO4 X . 17.90 -2.25 41.02
S SO4 Y . 22.13 5.01 41.37
O1 SO4 Y . 23.55 4.80 41.14
O2 SO4 Y . 21.51 5.52 40.15
O3 SO4 Y . 21.50 3.74 41.75
O4 SO4 Y . 21.95 5.98 42.46
S SO4 Z . 17.74 -6.66 35.99
O1 SO4 Z . 17.73 -6.08 37.33
O2 SO4 Z . 18.92 -6.21 35.27
O3 SO4 Z . 17.76 -8.12 36.10
O4 SO4 Z . 16.53 -6.25 35.26
#